data_4TVZ
#
_entry.id   4TVZ
#
_cell.length_a   94.960
_cell.length_b   63.723
_cell.length_c   219.925
_cell.angle_alpha   90.000
_cell.angle_beta   99.750
_cell.angle_gamma   90.000
#
_symmetry.space_group_name_H-M   'C 1 2 1'
#
loop_
_entity.id
_entity.type
_entity.pdbx_description
1 polymer 'Scavenger receptor class B member 2'
2 branched alpha-D-mannopyranose-(1-3)-beta-D-mannopyranose-(1-4)-2-acetamido-2-deoxy-beta-D-glucopyranose-(1-4)-2-acetamido-2-deoxy-beta-D-glucopyranose
3 branched 2-acetamido-2-deoxy-beta-D-glucopyranose-(1-4)-2-acetamido-2-deoxy-beta-D-glucopyranose
4 branched alpha-D-mannopyranose-(1-2)-alpha-D-mannopyranose-(1-3)-[alpha-D-mannopyranose-(1-2)-alpha-D-mannopyranose-(1-6)]alpha-D-mannopyranose-(1-6)-[alpha-D-mannopyranose-(1-3)]beta-D-mannopyranose-(1-4)-2-acetamido-2-deoxy-beta-D-glucopyranose-(1-4)-2-acetamido-2-deoxy-beta-D-glucopyranose
5 branched alpha-D-mannopyranose-(1-3)-[alpha-D-mannopyranose-(1-6)]beta-D-mannopyranose-(1-4)-2-acetamido-2-deoxy-beta-D-glucopyranose-(1-4)-2-acetamido-2-deoxy-beta-D-glucopyranose
6 branched beta-D-mannopyranose-(1-4)-2-acetamido-2-deoxy-beta-D-glucopyranose-(1-4)-2-acetamido-2-deoxy-beta-D-glucopyranose
7 branched alpha-D-mannopyranose-(1-2)-alpha-D-mannopyranose-(1-3)-[alpha-D-mannopyranose-(1-2)-alpha-D-mannopyranose-(1-6)]alpha-D-mannopyranose-(1-6)-[alpha-D-mannopyranose-(1-2)-alpha-D-mannopyranose-(1-3)]beta-D-mannopyranose-(1-4)-2-acetamido-2-deoxy-beta-D-glucopyranose-(1-4)-2-acetamido-2-deoxy-beta-D-glucopyranose
8 non-polymer 2-acetamido-2-deoxy-beta-D-glucopyranose
#
_entity_poly.entity_id   1
_entity_poly.type   'polypeptide(L)'
_entity_poly.pdbx_seq_one_letter_code
;IEKKIVLRNGTEAFDSWEKPPLPVYTQFYFFNVTNPEEILRGETPRVEEVGPYTYRELRNKANIQFGDNGTTISAVSNKA
YVFERDQSVGDPKIDLIRTLNIPVLTVIEWSQVHFLREIIEAMLKAYQQKLFVTHTVDELLWGYKDEILSLIHVFRPDIS
PYFGLFYEKNGTNDGDYVFLTGEDSYLNFTKIVEWNGKTSLDWWITDKCNMINGTDGDSFHPLITKDEVLYVFPSDFCRS
VYITFSDYESVQGLPAFRYKVPAEILANTSDNAGFCIPEGNCLGSGVLNVSICKNGAPIIMSFPHFYQADERFVSAIEGM
HPNQEDHETFVDINPLTGIILKAAKRFQINIYVKKLDDFVETGDIRTMVFPVMYLNESVHIDKETASRLKSMIN
;
_entity_poly.pdbx_strand_id   A,B
#
loop_
_chem_comp.id
_chem_comp.type
_chem_comp.name
_chem_comp.formula
BMA D-saccharide, beta linking beta-D-mannopyranose 'C6 H12 O6'
MAN D-saccharide, alpha linking alpha-D-mannopyranose 'C6 H12 O6'
NAG D-saccharide, beta linking 2-acetamido-2-deoxy-beta-D-glucopyranose 'C8 H15 N O6'
#
# COMPACT_ATOMS: atom_id res chain seq x y z
N ILE A 1 -14.32 7.10 -0.55
CA ILE A 1 -13.99 7.93 -1.71
C ILE A 1 -12.58 8.50 -1.58
N GLU A 2 -12.29 9.03 -0.40
CA GLU A 2 -10.95 9.50 -0.05
C GLU A 2 -9.90 8.39 -0.16
N LYS A 3 -10.33 7.16 0.10
CA LYS A 3 -9.46 5.99 0.11
C LYS A 3 -8.72 5.79 -1.21
N LYS A 4 -9.22 6.42 -2.26
CA LYS A 4 -8.64 6.30 -3.59
C LYS A 4 -7.24 6.89 -3.60
N ILE A 5 -7.02 7.94 -2.81
CA ILE A 5 -5.72 8.58 -2.79
C ILE A 5 -4.89 8.17 -1.57
N VAL A 6 -3.90 7.32 -1.85
CA VAL A 6 -2.91 6.79 -0.91
C VAL A 6 -1.69 6.52 -1.78
N LEU A 7 -0.51 6.37 -1.18
CA LEU A 7 0.63 5.98 -1.99
C LEU A 7 0.95 4.50 -1.80
N ARG A 8 0.59 3.72 -2.82
CA ARG A 8 0.80 2.27 -2.84
C ARG A 8 0.84 1.83 -4.30
N ASN A 9 1.56 0.74 -4.57
CA ASN A 9 1.89 0.38 -5.95
C ASN A 9 0.70 0.05 -6.87
N GLY A 10 -0.49 -0.11 -6.29
CA GLY A 10 -1.71 -0.23 -7.10
C GLY A 10 -2.29 1.07 -7.64
N THR A 11 -2.40 2.07 -6.77
CA THR A 11 -3.12 3.31 -7.05
C THR A 11 -2.51 4.21 -8.14
N GLU A 12 -3.36 5.06 -8.71
CA GLU A 12 -2.96 6.04 -9.71
C GLU A 12 -2.19 7.20 -9.08
N ALA A 13 -2.49 7.48 -7.82
CA ALA A 13 -1.78 8.52 -7.07
C ALA A 13 -0.27 8.25 -7.02
N PHE A 14 0.09 6.97 -6.96
CA PHE A 14 1.49 6.56 -6.90
C PHE A 14 2.24 6.79 -8.21
N ASP A 15 1.67 6.31 -9.31
CA ASP A 15 2.28 6.46 -10.63
C ASP A 15 2.46 7.93 -10.99
N SER A 16 1.52 8.75 -10.52
CA SER A 16 1.58 10.19 -10.72
C SER A 16 2.49 10.86 -9.69
N TRP A 17 2.74 10.17 -8.59
CA TRP A 17 3.71 10.63 -7.59
C TRP A 17 5.11 10.29 -8.07
N GLU A 18 5.27 9.06 -8.54
CA GLU A 18 6.54 8.55 -9.02
C GLU A 18 7.06 9.37 -10.20
N LYS A 19 6.24 9.50 -11.23
CA LYS A 19 6.55 10.34 -12.37
C LYS A 19 5.45 11.39 -12.59
N PRO A 20 5.58 12.55 -11.94
CA PRO A 20 4.57 13.62 -12.00
C PRO A 20 4.26 14.05 -13.43
N PRO A 21 2.97 14.08 -13.80
CA PRO A 21 2.47 14.34 -15.16
C PRO A 21 2.65 15.78 -15.59
N LEU A 22 2.52 16.71 -14.65
CA LEU A 22 2.57 18.12 -14.96
C LEU A 22 3.99 18.66 -15.06
N PRO A 23 4.27 19.43 -16.11
CA PRO A 23 5.57 20.10 -16.21
C PRO A 23 5.67 21.23 -15.20
N VAL A 24 6.85 21.43 -14.63
CA VAL A 24 7.06 22.49 -13.66
C VAL A 24 8.23 23.37 -14.12
N TYR A 25 8.04 24.68 -14.01
CA TYR A 25 9.04 25.61 -14.53
C TYR A 25 9.65 26.46 -13.45
N THR A 26 10.95 26.69 -13.58
CA THR A 26 11.64 27.67 -12.76
C THR A 26 12.20 28.75 -13.68
N GLN A 27 11.86 29.99 -13.38
CA GLN A 27 12.39 31.13 -14.11
C GLN A 27 13.33 31.91 -13.21
N PHE A 28 14.48 32.31 -13.74
CA PHE A 28 15.50 32.95 -12.93
C PHE A 28 15.63 34.45 -13.21
N TYR A 29 15.66 35.23 -12.14
CA TYR A 29 15.75 36.69 -12.24
C TYR A 29 16.94 37.27 -11.50
N PHE A 30 17.87 37.86 -12.23
CA PHE A 30 19.05 38.47 -11.64
C PHE A 30 18.95 39.98 -11.61
N PHE A 31 19.56 40.58 -10.59
CA PHE A 31 19.71 42.03 -10.55
C PHE A 31 21.10 42.43 -10.99
N ASN A 32 21.14 43.17 -12.10
CA ASN A 32 22.39 43.59 -12.69
C ASN A 32 22.82 44.94 -12.11
N VAL A 33 23.92 44.93 -11.36
CA VAL A 33 24.34 46.11 -10.62
C VAL A 33 24.83 47.21 -11.56
N THR A 34 24.26 48.41 -11.38
CA THR A 34 24.57 49.56 -12.22
C THR A 34 25.86 50.28 -11.83
N ASN A 35 26.06 50.49 -10.53
CA ASN A 35 27.13 51.37 -10.03
C ASN A 35 28.12 50.72 -9.06
N PRO A 36 28.93 49.74 -9.51
CA PRO A 36 29.82 48.94 -8.66
C PRO A 36 30.80 49.75 -7.81
N GLU A 37 31.47 50.72 -8.42
CA GLU A 37 32.48 51.50 -7.71
C GLU A 37 31.80 52.47 -6.75
N GLU A 38 30.67 53.00 -7.20
CA GLU A 38 29.90 53.97 -6.42
C GLU A 38 29.38 53.31 -5.14
N ILE A 39 29.02 52.03 -5.24
CA ILE A 39 28.58 51.26 -4.09
C ILE A 39 29.70 51.18 -3.04
N LEU A 40 30.91 50.88 -3.51
CA LEU A 40 32.07 50.71 -2.63
C LEU A 40 32.45 51.99 -1.87
N ARG A 41 32.13 53.12 -2.48
CA ARG A 41 32.41 54.43 -1.89
C ARG A 41 31.20 54.97 -1.12
N GLY A 42 30.21 54.11 -0.92
CA GLY A 42 29.20 54.35 0.10
C GLY A 42 27.85 54.76 -0.44
N GLU A 43 27.76 54.87 -1.77
CA GLU A 43 26.52 55.33 -2.37
C GLU A 43 25.50 54.22 -2.50
N THR A 44 24.22 54.62 -2.55
CA THR A 44 23.09 53.72 -2.67
C THR A 44 23.22 52.81 -3.88
N PRO A 45 23.11 51.49 -3.68
CA PRO A 45 23.20 50.57 -4.82
C PRO A 45 22.04 50.77 -5.75
N ARG A 46 22.24 50.49 -7.04
CA ARG A 46 21.16 50.59 -8.01
C ARG A 46 21.27 49.40 -8.94
N VAL A 47 20.17 48.69 -9.10
CA VAL A 47 20.18 47.47 -9.90
C VAL A 47 19.18 47.54 -11.03
N GLU A 48 19.38 46.70 -12.05
CA GLU A 48 18.39 46.53 -13.09
C GLU A 48 18.01 45.06 -13.21
N GLU A 49 16.71 44.80 -13.29
CA GLU A 49 16.21 43.44 -13.32
C GLU A 49 16.48 42.80 -14.69
N VAL A 50 16.96 41.56 -14.67
CA VAL A 50 17.28 40.84 -15.90
C VAL A 50 16.72 39.42 -15.85
N GLY A 51 15.79 39.12 -16.77
CA GLY A 51 15.19 37.81 -16.81
C GLY A 51 13.84 37.81 -17.53
N PRO A 52 13.22 36.63 -17.63
CA PRO A 52 13.68 35.39 -17.00
C PRO A 52 14.58 34.54 -17.88
N TYR A 53 15.05 33.43 -17.32
CA TYR A 53 15.71 32.38 -18.09
C TYR A 53 15.05 31.05 -17.73
N THR A 54 14.41 30.43 -18.72
CA THR A 54 13.43 29.37 -18.50
C THR A 54 14.00 27.96 -18.53
N TYR A 55 13.77 27.22 -17.45
CA TYR A 55 14.19 25.83 -17.34
C TYR A 55 13.02 24.93 -16.96
N ARG A 56 12.77 23.91 -17.77
CA ARG A 56 11.74 22.92 -17.46
C ARG A 56 12.30 21.83 -16.56
N GLU A 57 11.63 21.59 -15.43
CA GLU A 57 12.10 20.59 -14.48
C GLU A 57 11.72 19.18 -14.92
N LEU A 58 12.63 18.24 -14.75
CA LEU A 58 12.35 16.83 -15.04
C LEU A 58 12.28 16.06 -13.73
N ARG A 59 11.07 15.65 -13.36
CA ARG A 59 10.83 15.15 -12.01
C ARG A 59 10.45 13.67 -11.96
N ASN A 60 11.31 12.87 -11.34
CA ASN A 60 10.92 11.53 -10.94
C ASN A 60 11.49 11.16 -9.57
N LYS A 61 10.73 10.38 -8.83
CA LYS A 61 11.15 9.89 -7.51
C LYS A 61 11.99 8.63 -7.69
N ALA A 62 13.02 8.46 -6.88
CA ALA A 62 13.89 7.29 -6.98
C ALA A 62 14.14 6.65 -5.62
N ASN A 63 14.70 5.44 -5.63
CA ASN A 63 14.91 4.64 -4.42
C ASN A 63 13.66 4.58 -3.54
N ILE A 64 12.55 4.14 -4.14
CA ILE A 64 11.30 4.04 -3.41
C ILE A 64 11.28 2.78 -2.55
N GLN A 65 11.16 2.96 -1.24
CA GLN A 65 11.12 1.85 -0.30
C GLN A 65 9.80 1.89 0.46
N PHE A 66 9.40 0.73 0.99
CA PHE A 66 8.07 0.58 1.56
C PHE A 66 8.05 0.33 3.07
N GLY A 67 6.92 0.71 3.66
CA GLY A 67 6.76 0.91 5.09
C GLY A 67 6.91 -0.14 6.16
N ASP A 68 6.98 0.35 7.40
CA ASP A 68 6.87 -0.47 8.61
C ASP A 68 5.76 -1.51 8.48
N ASN A 69 4.51 -1.09 8.44
CA ASN A 69 3.49 -2.03 8.02
C ASN A 69 3.15 -1.72 6.58
N GLY A 70 2.19 -0.82 6.40
CA GLY A 70 1.86 -0.28 5.09
C GLY A 70 1.92 1.23 5.14
N THR A 71 2.29 1.77 6.30
CA THR A 71 2.10 3.19 6.56
C THR A 71 3.17 4.18 6.12
N THR A 72 4.38 3.73 5.83
CA THR A 72 5.40 4.67 5.38
C THR A 72 5.93 4.34 4.00
N ILE A 73 6.51 5.35 3.36
CA ILE A 73 7.19 5.18 2.09
C ILE A 73 8.43 6.07 2.18
N SER A 74 9.49 5.71 1.47
CA SER A 74 10.67 6.56 1.45
C SER A 74 11.31 6.58 0.07
N ALA A 75 11.92 7.70 -0.28
CA ALA A 75 12.48 7.88 -1.62
C ALA A 75 13.34 9.13 -1.68
N VAL A 76 13.86 9.41 -2.87
CA VAL A 76 14.52 10.66 -3.15
C VAL A 76 13.89 11.25 -4.41
N SER A 77 14.02 12.56 -4.59
CA SER A 77 13.39 13.22 -5.73
C SER A 77 14.41 13.90 -6.64
N ASN A 78 14.55 13.37 -7.85
CA ASN A 78 15.52 13.89 -8.79
C ASN A 78 14.90 14.96 -9.69
N LYS A 79 15.39 16.19 -9.57
CA LYS A 79 14.96 17.24 -10.49
C LYS A 79 16.13 17.68 -11.34
N ALA A 80 15.88 17.81 -12.63
CA ALA A 80 16.88 18.28 -13.58
C ALA A 80 16.31 19.49 -14.30
N TYR A 81 17.19 20.32 -14.87
CA TYR A 81 16.74 21.57 -15.48
C TYR A 81 17.08 21.62 -16.97
N VAL A 82 16.05 21.71 -17.79
CA VAL A 82 16.19 21.75 -19.23
C VAL A 82 15.81 23.14 -19.78
N PHE A 83 16.83 23.84 -20.27
CA PHE A 83 16.66 25.24 -20.66
C PHE A 83 15.82 25.43 -21.93
N GLU A 84 14.81 26.29 -21.83
CA GLU A 84 14.03 26.72 -22.99
C GLU A 84 14.39 28.16 -23.39
N ARG A 85 15.06 28.32 -24.52
CA ARG A 85 15.55 29.61 -24.97
C ARG A 85 14.43 30.60 -25.31
N ASP A 86 13.42 30.12 -26.03
CA ASP A 86 12.38 30.97 -26.58
C ASP A 86 11.41 31.51 -25.54
N GLN A 87 11.43 30.91 -24.34
CA GLN A 87 10.65 31.42 -23.22
C GLN A 87 11.52 32.27 -22.31
N SER A 88 12.76 32.51 -22.74
CA SER A 88 13.69 33.33 -21.98
C SER A 88 14.19 34.53 -22.79
N VAL A 89 14.70 35.53 -22.08
CA VAL A 89 15.31 36.72 -22.70
C VAL A 89 16.42 36.39 -23.69
N GLY A 90 17.33 35.51 -23.28
CA GLY A 90 18.50 35.25 -24.09
C GLY A 90 19.14 33.90 -23.83
N ASP A 91 20.32 33.68 -24.41
CA ASP A 91 21.08 32.48 -24.14
C ASP A 91 22.04 32.76 -22.99
N PRO A 92 21.76 32.16 -21.82
CA PRO A 92 22.43 32.40 -20.54
C PRO A 92 23.91 32.10 -20.61
N LYS A 93 24.31 31.38 -21.66
CA LYS A 93 25.72 31.12 -21.90
C LYS A 93 26.40 32.39 -22.38
N ILE A 94 25.70 33.15 -23.23
CA ILE A 94 26.17 34.47 -23.65
C ILE A 94 25.89 35.58 -22.63
N ASP A 95 24.64 35.66 -22.17
CA ASP A 95 24.20 36.79 -21.35
C ASP A 95 25.00 37.01 -20.07
N LEU A 96 25.34 38.27 -19.81
CA LEU A 96 26.22 38.65 -18.72
C LEU A 96 25.46 39.28 -17.54
N ILE A 97 25.94 39.02 -16.33
CA ILE A 97 25.40 39.66 -15.11
C ILE A 97 26.51 40.04 -14.15
N ARG A 98 26.40 41.26 -13.61
CA ARG A 98 27.35 41.75 -12.63
C ARG A 98 26.73 41.90 -11.24
N THR A 99 27.28 41.19 -10.27
CA THR A 99 26.80 41.25 -8.90
C THR A 99 27.95 41.13 -7.91
N LEU A 100 27.57 40.94 -6.65
CA LEU A 100 28.52 40.75 -5.56
C LEU A 100 29.45 39.60 -5.91
N ASN A 101 30.69 39.67 -5.46
CA ASN A 101 31.57 38.53 -5.68
C ASN A 101 31.36 37.66 -4.45
N ILE A 102 30.55 36.63 -4.65
CA ILE A 102 30.10 35.77 -3.57
C ILE A 102 31.17 34.81 -3.00
N PRO A 103 31.95 34.12 -3.87
CA PRO A 103 32.96 33.20 -3.32
C PRO A 103 33.91 33.86 -2.30
N VAL A 104 34.39 35.07 -2.61
CA VAL A 104 35.28 35.77 -1.69
C VAL A 104 34.53 36.23 -0.44
N LEU A 105 33.25 36.55 -0.58
CA LEU A 105 32.46 37.05 0.54
C LEU A 105 32.27 36.00 1.63
N THR A 106 32.26 34.74 1.24
CA THR A 106 32.13 33.65 2.21
C THR A 106 33.44 33.32 2.92
N VAL A 107 34.55 33.31 2.18
CA VAL A 107 35.84 33.03 2.80
C VAL A 107 36.22 34.16 3.75
N ILE A 108 35.69 35.35 3.48
CA ILE A 108 35.85 36.50 4.35
C ILE A 108 35.03 36.26 5.61
N GLU A 109 33.84 35.69 5.43
CA GLU A 109 33.05 35.21 6.55
C GLU A 109 33.82 34.11 7.25
N TRP A 110 34.40 33.21 6.45
CA TRP A 110 35.26 32.14 6.94
C TRP A 110 36.54 32.67 7.61
N SER A 111 36.90 33.91 7.31
CA SER A 111 38.02 34.54 7.99
C SER A 111 37.64 34.94 9.41
N GLN A 112 36.47 35.56 9.57
CA GLN A 112 36.08 36.15 10.84
C GLN A 112 35.66 35.08 11.85
N VAL A 113 34.78 34.17 11.43
CA VAL A 113 34.60 32.91 12.14
C VAL A 113 35.36 31.87 11.33
N HIS A 114 36.08 30.94 11.95
CA HIS A 114 36.97 30.17 11.11
C HIS A 114 36.36 28.79 10.81
N PHE A 115 35.74 28.68 9.63
CA PHE A 115 35.21 27.40 9.13
C PHE A 115 36.26 26.69 8.31
N LEU A 116 37.07 27.50 7.62
CA LEU A 116 38.41 27.13 7.18
C LEU A 116 39.20 28.18 7.90
N ARG A 117 40.49 28.28 7.69
CA ARG A 117 41.25 29.08 8.62
C ARG A 117 41.43 30.50 8.15
N GLU A 118 41.38 31.41 9.12
CA GLU A 118 41.98 32.72 9.00
C GLU A 118 43.46 32.40 8.87
N ILE A 119 44.25 33.35 8.35
CA ILE A 119 45.71 33.30 8.15
C ILE A 119 46.07 32.60 6.82
N ILE A 120 45.10 31.90 6.23
CA ILE A 120 45.21 31.46 4.84
C ILE A 120 44.43 32.51 4.05
N GLU A 121 43.99 33.50 4.81
CA GLU A 121 43.57 34.80 4.32
C GLU A 121 44.68 35.46 3.49
N ALA A 122 45.91 34.97 3.66
CA ALA A 122 47.07 35.42 2.89
C ALA A 122 46.83 35.42 1.38
N MET A 123 46.20 34.35 0.88
CA MET A 123 45.88 34.21 -0.54
C MET A 123 45.05 35.40 -1.06
N LEU A 124 44.32 36.04 -0.16
CA LEU A 124 43.49 37.20 -0.51
C LEU A 124 44.38 38.39 -0.84
N LYS A 125 45.41 38.60 -0.04
CA LYS A 125 46.32 39.74 -0.23
C LYS A 125 47.38 39.47 -1.30
N ALA A 126 47.68 38.20 -1.54
CA ALA A 126 48.62 37.82 -2.59
C ALA A 126 48.00 38.03 -3.97
N TYR A 127 46.73 37.65 -4.11
CA TYR A 127 46.02 37.79 -5.38
C TYR A 127 44.83 38.74 -5.27
N GLN A 128 44.91 39.87 -5.97
CA GLN A 128 43.86 40.88 -5.99
C GLN A 128 42.48 40.36 -6.36
N GLN A 129 41.48 40.70 -5.56
CA GLN A 129 40.11 40.26 -5.83
C GLN A 129 39.11 41.42 -5.73
N LYS A 130 38.08 41.37 -6.57
CA LYS A 130 37.07 42.42 -6.64
C LYS A 130 35.79 41.96 -5.99
N LEU A 131 35.07 42.87 -5.35
CA LEU A 131 33.81 42.52 -4.71
C LEU A 131 32.67 42.50 -5.71
N PHE A 132 32.91 43.04 -6.89
CA PHE A 132 31.95 42.91 -7.98
C PHE A 132 32.61 42.31 -9.22
N VAL A 133 31.90 41.37 -9.82
CA VAL A 133 32.44 40.54 -10.86
C VAL A 133 31.41 40.40 -11.97
N THR A 134 31.86 40.03 -13.16
CA THR A 134 30.91 39.76 -14.23
C THR A 134 31.12 38.35 -14.76
N HIS A 135 30.03 37.60 -14.78
CA HIS A 135 30.01 36.24 -15.27
C HIS A 135 28.69 36.01 -16.00
N THR A 136 28.70 35.09 -16.94
CA THR A 136 27.48 34.74 -17.65
C THR A 136 26.45 34.16 -16.69
N VAL A 137 25.18 34.31 -17.03
CA VAL A 137 24.07 33.78 -16.23
C VAL A 137 24.24 32.29 -15.98
N ASP A 138 24.57 31.57 -17.05
CA ASP A 138 24.84 30.14 -16.98
C ASP A 138 25.87 29.82 -15.90
N GLU A 139 26.88 30.69 -15.77
CA GLU A 139 27.94 30.51 -14.78
C GLU A 139 27.51 30.67 -13.32
N LEU A 140 26.79 31.74 -12.99
CA LEU A 140 26.42 31.97 -11.59
C LEU A 140 25.58 30.85 -10.99
N LEU A 141 24.55 30.40 -11.70
CA LEU A 141 23.73 29.32 -11.17
C LEU A 141 24.36 27.93 -11.41
N TRP A 142 24.94 27.66 -12.58
CA TRP A 142 25.45 26.30 -12.85
C TRP A 142 26.94 26.11 -12.56
N GLY A 143 27.60 27.14 -12.06
CA GLY A 143 28.97 27.00 -11.60
C GLY A 143 30.10 27.52 -12.49
N TYR A 144 31.14 27.98 -11.81
CA TYR A 144 32.34 28.51 -12.43
C TYR A 144 33.53 28.40 -11.47
N LYS A 145 34.74 28.40 -12.00
CA LYS A 145 35.92 28.27 -11.16
C LYS A 145 36.40 29.63 -10.64
N ASP A 146 36.48 29.74 -9.33
CA ASP A 146 36.99 30.94 -8.66
C ASP A 146 38.48 30.79 -8.38
N GLU A 147 39.22 31.90 -8.51
CA GLU A 147 40.66 31.85 -8.37
C GLU A 147 41.15 31.72 -6.94
N ILE A 148 40.45 32.33 -5.98
CA ILE A 148 40.74 32.11 -4.57
C ILE A 148 40.48 30.67 -4.14
N LEU A 149 39.27 30.19 -4.46
CA LEU A 149 38.87 28.82 -4.14
C LEU A 149 39.84 27.80 -4.73
N SER A 150 40.33 28.07 -5.93
CA SER A 150 41.27 27.18 -6.59
C SER A 150 42.56 27.00 -5.78
N LEU A 151 43.06 28.09 -5.22
CA LEU A 151 44.26 28.05 -4.38
C LEU A 151 44.00 27.32 -3.07
N ILE A 152 42.93 27.73 -2.39
CA ILE A 152 42.54 27.13 -1.12
C ILE A 152 42.31 25.63 -1.29
N HIS A 153 41.86 25.26 -2.48
CA HIS A 153 41.65 23.87 -2.85
C HIS A 153 42.97 23.08 -2.81
N VAL A 154 44.08 23.77 -3.03
CA VAL A 154 45.39 23.15 -3.03
C VAL A 154 45.80 22.71 -1.61
N PHE A 155 45.57 23.58 -0.64
CA PHE A 155 45.95 23.31 0.74
C PHE A 155 44.99 22.33 1.40
N ARG A 156 43.71 22.63 1.29
CA ARG A 156 42.66 21.70 1.68
C ARG A 156 41.78 21.30 0.49
N PRO A 157 41.97 20.06 -0.02
CA PRO A 157 41.27 19.51 -1.19
C PRO A 157 39.78 19.28 -1.00
N ASP A 158 39.30 19.29 0.24
CA ASP A 158 37.89 19.06 0.53
C ASP A 158 37.03 20.19 -0.04
N ILE A 159 37.50 21.43 0.10
CA ILE A 159 36.83 22.58 -0.48
C ILE A 159 36.90 22.55 -2.00
N SER A 160 35.76 22.81 -2.63
CA SER A 160 35.66 22.81 -4.08
C SER A 160 35.96 24.19 -4.63
N PRO A 161 36.76 24.27 -5.70
CA PRO A 161 37.15 25.50 -6.38
C PRO A 161 35.96 26.14 -7.10
N TYR A 162 34.89 25.36 -7.22
CA TYR A 162 33.71 25.76 -7.99
C TYR A 162 32.66 26.42 -7.11
N PHE A 163 32.18 27.57 -7.55
CA PHE A 163 31.03 28.21 -6.91
C PHE A 163 29.85 28.22 -7.86
N GLY A 164 28.65 28.10 -7.30
CA GLY A 164 27.44 28.31 -8.05
C GLY A 164 26.25 28.42 -7.12
N LEU A 165 25.21 29.12 -7.57
CA LEU A 165 23.99 29.22 -6.79
C LEU A 165 23.31 27.85 -6.81
N PHE A 166 23.13 27.33 -8.01
CA PHE A 166 22.59 26.00 -8.26
C PHE A 166 23.63 24.92 -8.59
N TYR A 167 24.91 25.22 -8.35
CA TYR A 167 26.03 24.36 -8.76
C TYR A 167 25.79 22.89 -8.36
N GLU A 168 26.00 21.99 -9.32
CA GLU A 168 25.69 20.58 -9.17
C GLU A 168 24.30 20.28 -8.61
N LYS A 169 23.32 21.11 -8.91
CA LYS A 169 21.95 20.74 -8.54
C LYS A 169 21.14 20.21 -9.73
N ASN A 170 21.76 20.13 -10.90
CA ASN A 170 21.12 19.49 -12.04
C ASN A 170 21.18 17.97 -11.91
N GLY A 171 20.02 17.32 -11.94
CA GLY A 171 19.96 15.87 -12.02
C GLY A 171 20.04 15.14 -10.70
N THR A 172 20.20 15.89 -9.60
CA THR A 172 20.41 15.24 -8.30
C THR A 172 19.22 15.43 -7.37
N ASN A 173 19.01 14.44 -6.51
CA ASN A 173 18.05 14.55 -5.44
C ASN A 173 18.62 15.32 -4.26
N ASP A 174 17.78 16.09 -3.59
CA ASP A 174 18.16 16.64 -2.29
C ASP A 174 17.60 15.73 -1.20
N GLY A 175 18.50 15.16 -0.40
CA GLY A 175 18.09 14.56 0.85
C GLY A 175 17.51 13.17 0.70
N ASP A 176 17.50 12.41 1.78
CA ASP A 176 16.73 11.17 1.83
C ASP A 176 15.49 11.39 2.68
N TYR A 177 14.33 11.28 2.04
CA TYR A 177 13.05 11.51 2.71
C TYR A 177 12.39 10.19 3.01
N VAL A 178 11.69 10.12 4.14
CA VAL A 178 10.73 9.06 4.36
C VAL A 178 9.37 9.69 4.57
N PHE A 179 8.38 9.16 3.86
CA PHE A 179 7.10 9.83 3.69
C PHE A 179 5.97 8.99 4.28
N LEU A 180 4.93 9.67 4.75
CA LEU A 180 3.81 9.00 5.36
C LEU A 180 2.68 8.82 4.35
N THR A 181 2.42 7.58 3.96
CA THR A 181 1.36 7.32 3.00
C THR A 181 0.01 7.49 3.68
N GLY A 182 -1.06 7.45 2.90
CA GLY A 182 -2.40 7.71 3.41
C GLY A 182 -3.09 6.59 4.16
N GLU A 183 -2.35 5.56 4.55
CA GLU A 183 -2.97 4.37 5.13
C GLU A 183 -3.45 4.56 6.57
N ASP A 184 -2.61 5.11 7.44
CA ASP A 184 -3.03 5.41 8.81
C ASP A 184 -4.19 6.42 8.80
N SER A 185 -3.99 7.51 8.08
CA SER A 185 -5.05 8.47 7.77
C SER A 185 -4.69 9.20 6.49
N TYR A 186 -5.70 9.73 5.82
CA TYR A 186 -5.47 10.55 4.63
C TYR A 186 -4.77 11.85 5.05
N LEU A 187 -5.11 12.33 6.25
CA LEU A 187 -4.55 13.57 6.80
C LEU A 187 -3.02 13.56 6.83
N ASN A 188 -2.45 12.36 6.89
CA ASN A 188 -1.01 12.20 6.95
C ASN A 188 -0.41 12.00 5.56
N PHE A 189 -1.23 12.15 4.52
CA PHE A 189 -0.76 11.99 3.14
C PHE A 189 0.47 12.84 2.85
N THR A 190 1.49 12.17 2.30
CA THR A 190 2.81 12.75 1.97
C THR A 190 3.33 13.70 3.04
N LYS A 191 3.04 13.39 4.31
CA LYS A 191 3.65 14.14 5.39
C LYS A 191 5.11 13.73 5.50
N ILE A 192 5.95 14.65 5.98
CA ILE A 192 7.34 14.31 6.17
C ILE A 192 7.55 13.90 7.62
N VAL A 193 7.80 12.61 7.83
CA VAL A 193 8.10 12.12 9.16
C VAL A 193 9.58 12.30 9.53
N GLU A 194 10.46 12.13 8.55
CA GLU A 194 11.89 12.20 8.81
C GLU A 194 12.68 12.59 7.54
N TRP A 195 13.77 13.34 7.69
CA TRP A 195 14.57 13.75 6.53
C TRP A 195 16.08 13.61 6.81
N ASN A 196 16.80 13.07 5.85
CA ASN A 196 18.23 12.76 6.00
C ASN A 196 18.48 11.80 7.15
N GLY A 197 17.46 11.00 7.49
CA GLY A 197 17.56 10.05 8.58
C GLY A 197 17.34 10.67 9.95
N LYS A 198 17.21 11.99 10.00
CA LYS A 198 16.89 12.68 11.24
C LYS A 198 15.51 13.35 11.15
N THR A 199 14.69 13.21 12.18
CA THR A 199 13.32 13.71 12.12
C THR A 199 13.22 15.18 12.54
N SER A 200 14.35 15.79 12.87
CA SER A 200 14.36 17.21 13.23
C SER A 200 15.53 17.98 12.62
N LEU A 201 15.43 19.30 12.63
CA LEU A 201 16.51 20.18 12.23
C LEU A 201 17.43 20.49 13.41
N ASP A 202 18.73 20.44 13.18
CA ASP A 202 19.72 20.81 14.18
C ASP A 202 20.21 22.25 14.00
N TRP A 203 19.71 22.91 12.96
CA TRP A 203 20.19 24.23 12.54
C TRP A 203 19.74 25.41 13.38
N TRP A 204 18.60 25.30 14.04
CA TRP A 204 17.95 26.47 14.61
C TRP A 204 17.95 26.45 16.14
N ILE A 205 17.83 27.64 16.72
CA ILE A 205 18.14 27.87 18.13
C ILE A 205 17.08 27.34 19.11
N THR A 206 15.87 27.06 18.63
CA THR A 206 14.83 26.51 19.51
C THR A 206 14.20 25.21 18.99
N ASP A 207 13.57 24.48 19.91
CA ASP A 207 12.95 23.20 19.62
C ASP A 207 11.83 23.30 18.60
N LYS A 208 11.03 24.38 18.72
CA LYS A 208 9.86 24.55 17.87
C LYS A 208 10.23 25.02 16.47
N CYS A 209 11.16 25.97 16.39
CA CYS A 209 11.68 26.43 15.11
C CYS A 209 12.28 25.28 14.29
N ASN A 210 12.82 24.29 14.98
CA ASN A 210 13.53 23.18 14.35
C ASN A 210 12.65 22.02 13.90
N MET A 211 11.34 22.13 14.11
CA MET A 211 10.45 21.05 13.71
C MET A 211 10.39 20.88 12.20
N ILE A 212 10.05 19.67 11.77
CA ILE A 212 9.72 19.43 10.38
C ILE A 212 8.24 19.16 10.31
N ASN A 213 7.52 20.11 9.73
CA ASN A 213 6.07 20.04 9.63
C ASN A 213 5.59 19.78 8.22
N GLY A 214 4.49 19.04 8.11
CA GLY A 214 3.75 18.95 6.88
C GLY A 214 4.47 18.35 5.69
N THR A 215 3.83 18.51 4.54
CA THR A 215 4.28 17.97 3.26
C THR A 215 5.45 18.77 2.67
N ASP A 216 6.10 18.17 1.68
CA ASP A 216 7.16 18.85 0.92
C ASP A 216 6.59 20.04 0.14
N GLY A 217 5.29 19.99 -0.16
CA GLY A 217 4.62 21.10 -0.83
C GLY A 217 4.24 20.90 -2.28
N ASP A 218 4.55 19.72 -2.84
CA ASP A 218 4.17 19.40 -4.21
C ASP A 218 2.88 18.61 -4.28
N SER A 219 2.32 18.29 -3.12
CA SER A 219 1.05 17.59 -3.01
C SER A 219 0.42 17.87 -1.65
N PHE A 220 -0.87 17.58 -1.52
CA PHE A 220 -1.53 17.78 -0.23
C PHE A 220 -2.52 16.65 0.10
N HIS A 221 -2.95 16.63 1.35
CA HIS A 221 -3.93 15.66 1.81
C HIS A 221 -5.31 16.01 1.29
N PRO A 222 -6.06 15.00 0.81
CA PRO A 222 -7.40 15.14 0.23
C PRO A 222 -8.40 15.76 1.21
N LEU A 223 -9.51 16.28 0.70
CA LEU A 223 -10.57 16.87 1.52
C LEU A 223 -10.04 18.03 2.36
N ILE A 224 -9.43 18.99 1.68
CA ILE A 224 -8.92 20.22 2.29
C ILE A 224 -10.11 21.09 2.72
N THR A 225 -9.87 22.01 3.67
CA THR A 225 -10.91 22.91 4.15
C THR A 225 -10.38 24.33 4.33
N LYS A 226 -11.25 25.31 4.07
CA LYS A 226 -10.87 26.73 4.11
C LYS A 226 -10.33 27.23 5.45
N ASP A 227 -10.72 26.60 6.55
CA ASP A 227 -10.36 27.07 7.88
C ASP A 227 -8.92 26.75 8.27
N GLU A 228 -8.43 25.60 7.80
CA GLU A 228 -7.18 25.04 8.33
C GLU A 228 -5.94 25.74 7.82
N VAL A 229 -4.80 25.31 8.34
CA VAL A 229 -3.50 25.80 7.91
C VAL A 229 -2.68 24.62 7.40
N LEU A 230 -2.02 24.81 6.27
CA LEU A 230 -1.25 23.74 5.65
C LEU A 230 0.23 23.98 5.84
N TYR A 231 0.90 23.09 6.55
CA TYR A 231 2.35 23.21 6.73
C TYR A 231 3.08 22.62 5.53
N VAL A 232 4.22 23.22 5.22
CA VAL A 232 5.02 22.81 4.07
C VAL A 232 6.50 22.84 4.46
N PHE A 233 7.25 21.80 4.09
CA PHE A 233 8.69 21.83 4.32
C PHE A 233 9.46 21.98 3.00
N PRO A 234 9.92 23.20 2.70
CA PRO A 234 10.85 23.58 1.64
C PRO A 234 12.30 23.33 2.04
N SER A 235 12.85 22.18 1.67
CA SER A 235 14.22 21.82 2.01
C SER A 235 15.22 22.93 1.70
N ASP A 236 15.09 23.52 0.51
CA ASP A 236 16.05 24.52 0.06
C ASP A 236 15.92 25.80 0.87
N PHE A 237 14.79 25.96 1.55
CA PHE A 237 14.53 27.17 2.34
C PHE A 237 15.07 27.04 3.76
N CYS A 238 15.48 25.82 4.13
CA CYS A 238 16.14 25.52 5.40
C CYS A 238 15.19 25.48 6.60
N ARG A 239 13.90 25.75 6.36
CA ARG A 239 12.90 25.63 7.42
C ARG A 239 11.54 25.21 6.88
N SER A 240 10.57 25.06 7.77
CA SER A 240 9.21 24.70 7.39
C SER A 240 8.31 25.93 7.42
N VAL A 241 7.42 26.03 6.43
CA VAL A 241 6.52 27.19 6.31
C VAL A 241 5.09 26.68 6.19
N TYR A 242 4.11 27.53 6.50
CA TYR A 242 2.71 27.19 6.31
C TYR A 242 2.03 28.19 5.38
N ILE A 243 0.84 27.83 4.90
CA ILE A 243 0.06 28.71 4.05
C ILE A 243 -1.36 28.95 4.57
N THR A 244 -1.84 30.19 4.41
CA THR A 244 -3.18 30.56 4.86
C THR A 244 -4.11 30.84 3.69
N PHE A 245 -5.38 30.50 3.85
CA PHE A 245 -6.37 30.66 2.79
C PHE A 245 -6.52 32.13 2.40
N SER A 246 -6.64 32.40 1.10
CA SER A 246 -6.76 33.78 0.62
C SER A 246 -8.07 34.02 -0.12
N ASP A 247 -8.29 33.31 -1.23
CA ASP A 247 -9.58 33.41 -1.92
C ASP A 247 -9.93 32.19 -2.75
N TYR A 248 -11.12 32.23 -3.34
CA TYR A 248 -11.64 31.13 -4.15
C TYR A 248 -11.30 31.33 -5.61
N GLU A 249 -10.68 30.31 -6.20
CA GLU A 249 -10.32 30.40 -7.60
C GLU A 249 -10.92 29.24 -8.37
N SER A 250 -11.12 29.45 -9.66
CA SER A 250 -11.49 28.36 -10.54
C SER A 250 -10.43 28.23 -11.61
N VAL A 251 -9.67 27.14 -11.51
CA VAL A 251 -8.70 26.82 -12.54
C VAL A 251 -9.38 25.73 -13.34
N GLN A 252 -9.27 25.81 -14.67
CA GLN A 252 -9.96 24.88 -15.55
C GLN A 252 -11.47 24.92 -15.35
N GLY A 253 -12.03 23.74 -15.13
CA GLY A 253 -13.43 23.58 -14.78
C GLY A 253 -13.53 23.31 -13.29
N LEU A 254 -12.39 23.35 -12.60
CA LEU A 254 -12.32 22.81 -11.24
C LEU A 254 -12.15 23.87 -10.17
N PRO A 255 -12.69 23.60 -8.97
CA PRO A 255 -12.56 24.50 -7.82
C PRO A 255 -11.16 24.46 -7.24
N ALA A 256 -10.73 25.55 -6.63
CA ALA A 256 -9.44 25.59 -5.96
C ALA A 256 -9.47 26.59 -4.83
N PHE A 257 -8.72 26.31 -3.77
CA PHE A 257 -8.51 27.29 -2.71
C PHE A 257 -7.14 27.92 -2.91
N ARG A 258 -7.09 29.24 -2.86
CA ARG A 258 -5.82 29.93 -3.00
C ARG A 258 -5.23 30.13 -1.63
N TYR A 259 -4.11 29.45 -1.39
CA TYR A 259 -3.36 29.60 -0.16
C TYR A 259 -2.12 30.43 -0.46
N LYS A 260 -1.75 31.30 0.46
CA LYS A 260 -0.58 32.14 0.28
C LYS A 260 0.33 32.04 1.48
N VAL A 261 1.56 32.49 1.30
CA VAL A 261 2.49 32.56 2.41
C VAL A 261 2.23 33.88 3.11
N PRO A 262 1.74 33.81 4.34
CA PRO A 262 1.39 35.03 5.08
C PRO A 262 2.64 35.77 5.54
N ALA A 263 2.55 37.09 5.63
CA ALA A 263 3.70 37.93 5.95
C ALA A 263 4.35 37.55 7.28
N GLU A 264 3.59 36.88 8.14
CA GLU A 264 4.06 36.46 9.46
C GLU A 264 5.31 35.57 9.40
N ILE A 265 5.40 34.73 8.38
CA ILE A 265 6.47 33.72 8.27
C ILE A 265 7.90 34.25 8.45
N LEU A 266 8.30 35.21 7.62
CA LEU A 266 9.66 35.74 7.70
C LEU A 266 9.74 36.99 8.55
N ALA A 267 8.64 37.35 9.20
CA ALA A 267 8.62 38.55 10.02
C ALA A 267 9.32 38.35 11.35
N ASN A 268 9.82 39.46 11.91
CA ASN A 268 10.42 39.46 13.23
C ASN A 268 9.31 39.34 14.26
N THR A 269 9.31 38.25 15.02
CA THR A 269 8.33 38.04 16.08
C THR A 269 8.86 36.99 17.05
N SER A 270 8.28 36.93 18.24
CA SER A 270 8.84 36.14 19.33
C SER A 270 8.67 34.63 19.11
N ASP A 271 7.77 34.25 18.22
CA ASP A 271 7.63 32.86 17.82
C ASP A 271 8.78 32.49 16.87
N ASN A 272 9.19 33.46 16.06
CA ASN A 272 10.22 33.27 15.04
C ASN A 272 11.65 33.52 15.54
N ALA A 273 11.80 33.84 16.81
CA ALA A 273 13.09 34.29 17.36
C ALA A 273 14.20 33.23 17.28
N GLY A 274 13.83 31.98 17.06
CA GLY A 274 14.81 30.90 16.97
C GLY A 274 15.54 30.88 15.64
N PHE A 275 15.04 31.64 14.67
CA PHE A 275 15.62 31.68 13.34
C PHE A 275 16.76 32.69 13.29
N CYS A 276 16.93 33.41 14.39
CA CYS A 276 18.12 34.19 14.61
C CYS A 276 19.16 33.25 15.23
N ILE A 277 20.28 33.05 14.55
CA ILE A 277 21.31 32.17 15.09
C ILE A 277 21.96 32.80 16.33
N PRO A 278 22.37 34.08 16.24
CA PRO A 278 22.59 34.67 17.57
C PRO A 278 21.20 34.72 18.17
N GLU A 279 21.02 34.53 19.46
CA GLU A 279 19.64 34.61 19.93
C GLU A 279 19.44 35.96 20.61
N GLY A 280 18.26 36.53 20.38
CA GLY A 280 17.98 37.90 20.78
C GLY A 280 18.40 38.88 19.71
N ASN A 281 19.06 38.39 18.65
CA ASN A 281 19.41 39.24 17.51
C ASN A 281 19.16 38.55 16.17
N CYS A 282 18.19 39.09 15.42
CA CYS A 282 17.93 38.69 14.04
C CYS A 282 17.68 39.96 13.22
N LEU A 283 17.65 39.86 11.90
CA LEU A 283 17.78 41.05 11.06
C LEU A 283 16.50 41.88 10.91
N GLY A 284 15.34 41.25 11.04
CA GLY A 284 14.10 42.01 10.99
C GLY A 284 13.06 41.32 10.13
N SER A 285 11.93 42.00 9.93
CA SER A 285 10.82 41.46 9.15
C SER A 285 11.22 41.09 7.73
N GLY A 286 10.74 39.94 7.26
CA GLY A 286 10.82 39.60 5.85
C GLY A 286 12.12 39.05 5.32
N VAL A 287 13.13 38.93 6.18
CA VAL A 287 14.38 38.31 5.76
C VAL A 287 14.80 37.22 6.74
N LEU A 288 15.43 36.17 6.22
CA LEU A 288 15.91 35.09 7.06
C LEU A 288 17.39 34.87 6.83
N ASN A 289 18.11 34.53 7.89
CA ASN A 289 19.52 34.19 7.71
C ASN A 289 19.68 32.69 7.54
N VAL A 290 19.96 32.29 6.30
CA VAL A 290 19.99 30.90 5.88
C VAL A 290 21.42 30.35 5.89
N SER A 291 22.35 31.14 6.43
CA SER A 291 23.78 30.84 6.36
C SER A 291 24.15 29.40 6.69
N ILE A 292 23.68 28.91 7.84
CA ILE A 292 24.06 27.59 8.32
C ILE A 292 23.61 26.49 7.37
N CYS A 293 22.51 26.73 6.65
CA CYS A 293 22.10 25.82 5.59
C CYS A 293 23.18 25.77 4.51
N LYS A 294 23.68 26.94 4.09
CA LYS A 294 24.66 26.95 3.02
C LYS A 294 26.08 27.22 3.55
N ASN A 295 26.85 26.16 3.81
CA ASN A 295 28.31 26.21 3.97
C ASN A 295 28.90 27.46 4.63
N GLY A 296 28.18 28.06 5.58
CA GLY A 296 28.70 29.24 6.27
C GLY A 296 28.68 30.53 5.48
N ALA A 297 28.01 30.55 4.33
CA ALA A 297 27.95 31.75 3.50
C ALA A 297 26.96 32.75 4.10
N PRO A 298 27.21 34.07 3.95
CA PRO A 298 26.32 35.07 4.54
C PRO A 298 25.06 35.28 3.68
N ILE A 299 24.37 34.20 3.35
CA ILE A 299 23.26 34.25 2.41
C ILE A 299 21.93 34.51 3.11
N ILE A 300 21.26 35.59 2.70
CA ILE A 300 19.95 35.92 3.25
C ILE A 300 18.83 35.54 2.29
N MET A 301 17.78 34.93 2.84
CA MET A 301 16.58 34.66 2.05
C MET A 301 15.54 35.73 2.27
N SER A 302 14.83 36.05 1.19
CA SER A 302 13.73 36.99 1.23
C SER A 302 12.81 36.67 0.07
N PHE A 303 11.62 37.22 0.08
CA PHE A 303 10.73 37.11 -1.07
C PHE A 303 11.18 38.12 -2.13
N PRO A 304 10.71 37.95 -3.38
CA PRO A 304 11.18 38.83 -4.47
C PRO A 304 10.97 40.32 -4.18
N HIS A 305 11.98 41.12 -4.48
CA HIS A 305 11.93 42.57 -4.27
C HIS A 305 11.57 42.92 -2.82
N PHE A 306 11.90 42.00 -1.91
CA PHE A 306 11.66 42.17 -0.49
C PHE A 306 10.18 42.34 -0.18
N TYR A 307 9.32 41.65 -0.91
CA TYR A 307 7.89 41.67 -0.60
C TYR A 307 7.68 40.98 0.75
N GLN A 308 6.59 41.34 1.44
CA GLN A 308 6.30 40.83 2.78
C GLN A 308 7.48 41.09 3.73
N ALA A 309 7.97 42.33 3.74
CA ALA A 309 9.19 42.63 4.48
C ALA A 309 9.27 44.09 4.87
N ASP A 310 10.12 44.37 5.85
CA ASP A 310 10.35 45.73 6.32
C ASP A 310 10.81 46.57 5.12
N GLU A 311 10.29 47.79 5.03
CA GLU A 311 10.48 48.59 3.83
C GLU A 311 11.81 49.37 3.88
N ARG A 312 12.53 49.26 5.00
CA ARG A 312 13.85 49.87 5.11
C ARG A 312 14.88 49.09 4.30
N PHE A 313 14.56 47.84 3.99
CA PHE A 313 15.40 47.01 3.14
C PHE A 313 15.17 47.37 1.69
N VAL A 314 13.92 47.64 1.37
CA VAL A 314 13.48 47.99 0.03
C VAL A 314 14.07 49.34 -0.37
N SER A 315 14.13 50.25 0.59
CA SER A 315 14.66 51.59 0.37
C SER A 315 16.15 51.56 0.05
N ALA A 316 16.89 50.75 0.81
CA ALA A 316 18.34 50.65 0.69
C ALA A 316 18.83 50.29 -0.71
N ILE A 317 18.11 49.43 -1.41
CA ILE A 317 18.54 49.02 -2.75
C ILE A 317 17.59 49.53 -3.84
N GLU A 318 18.11 50.42 -4.67
CA GLU A 318 17.36 51.01 -5.77
C GLU A 318 17.04 49.99 -6.85
N GLY A 319 15.78 49.96 -7.26
CA GLY A 319 15.34 49.00 -8.26
C GLY A 319 14.51 47.92 -7.61
N MET A 320 14.32 48.03 -6.30
CA MET A 320 13.43 47.13 -5.59
C MET A 320 12.03 47.72 -5.63
N HIS A 321 11.12 47.03 -6.32
CA HIS A 321 9.76 47.53 -6.50
C HIS A 321 8.79 46.41 -6.21
N PRO A 322 8.62 46.09 -4.91
CA PRO A 322 7.74 44.99 -4.52
C PRO A 322 6.28 45.30 -4.80
N ASN A 323 5.61 44.33 -5.41
CA ASN A 323 4.16 44.36 -5.56
C ASN A 323 3.64 42.96 -5.26
N GLN A 324 2.42 42.90 -4.75
CA GLN A 324 1.85 41.63 -4.33
C GLN A 324 1.73 40.65 -5.48
N GLU A 325 1.05 41.09 -6.54
CA GLU A 325 0.59 40.18 -7.59
C GLU A 325 1.72 39.37 -8.24
N ASP A 326 2.87 40.00 -8.48
CA ASP A 326 4.01 39.30 -9.06
C ASP A 326 4.88 38.53 -8.06
N HIS A 327 5.09 39.11 -6.88
CA HIS A 327 6.08 38.58 -5.93
C HIS A 327 5.52 37.75 -4.78
N GLU A 328 4.20 37.59 -4.73
CA GLU A 328 3.59 36.72 -3.73
C GLU A 328 3.89 35.28 -4.11
N THR A 329 3.76 34.37 -3.15
CA THR A 329 3.83 32.95 -3.48
C THR A 329 2.52 32.28 -3.07
N PHE A 330 1.85 31.68 -4.04
CA PHE A 330 0.51 31.14 -3.84
C PHE A 330 0.37 29.71 -4.33
N VAL A 331 -0.61 29.01 -3.76
CA VAL A 331 -0.91 27.65 -4.16
C VAL A 331 -2.42 27.51 -4.39
N ASP A 332 -2.82 27.22 -5.62
CA ASP A 332 -4.22 26.93 -5.91
C ASP A 332 -4.41 25.42 -5.97
N ILE A 333 -5.08 24.88 -4.96
CA ILE A 333 -5.20 23.44 -4.82
C ILE A 333 -6.67 23.01 -4.83
N ASN A 334 -6.92 21.78 -5.24
CA ASN A 334 -8.29 21.29 -5.35
C ASN A 334 -8.72 20.65 -4.05
N PRO A 335 -9.72 21.26 -3.38
CA PRO A 335 -10.21 20.91 -2.04
C PRO A 335 -10.44 19.43 -1.83
N LEU A 336 -10.99 18.75 -2.83
CA LEU A 336 -11.33 17.35 -2.70
C LEU A 336 -10.07 16.49 -2.80
N THR A 337 -9.43 16.55 -3.96
CA THR A 337 -8.21 15.77 -4.21
C THR A 337 -7.02 16.27 -3.39
N GLY A 338 -6.86 17.59 -3.31
CA GLY A 338 -5.69 18.17 -2.69
C GLY A 338 -4.60 18.26 -3.74
N ILE A 339 -4.93 17.83 -4.94
CA ILE A 339 -4.03 17.94 -6.08
C ILE A 339 -3.80 19.41 -6.40
N ILE A 340 -2.60 19.73 -6.87
CA ILE A 340 -2.25 21.10 -7.15
C ILE A 340 -2.54 21.46 -8.62
N LEU A 341 -3.51 22.33 -8.82
CA LEU A 341 -3.93 22.74 -10.16
C LEU A 341 -3.04 23.84 -10.72
N LYS A 342 -2.76 24.85 -9.89
CA LYS A 342 -1.84 25.91 -10.27
C LYS A 342 -1.14 26.46 -9.03
N ALA A 343 0.12 26.83 -9.18
CA ALA A 343 0.86 27.48 -8.11
C ALA A 343 2.04 28.26 -8.65
N ALA A 344 2.52 29.21 -7.84
CA ALA A 344 3.77 29.90 -8.11
C ALA A 344 4.49 30.11 -6.78
N LYS A 345 5.74 29.69 -6.72
CA LYS A 345 6.50 29.77 -5.49
C LYS A 345 7.74 30.61 -5.72
N ARG A 346 7.89 31.65 -4.92
CA ARG A 346 8.93 32.64 -5.19
C ARG A 346 9.75 33.03 -3.97
N PHE A 347 11.04 32.80 -4.09
CA PHE A 347 12.01 33.09 -3.05
C PHE A 347 13.04 34.02 -3.67
N GLN A 348 13.78 34.75 -2.85
CA GLN A 348 14.89 35.55 -3.37
C GLN A 348 16.16 35.31 -2.57
N ILE A 349 17.29 35.29 -3.26
CA ILE A 349 18.58 35.12 -2.63
C ILE A 349 19.23 36.47 -2.41
N ASN A 350 19.52 36.79 -1.16
CA ASN A 350 20.27 38.00 -0.87
C ASN A 350 21.59 37.68 -0.19
N ILE A 351 22.56 38.56 -0.36
CA ILE A 351 23.85 38.44 0.30
C ILE A 351 24.09 39.61 1.24
N TYR A 352 24.50 39.29 2.46
CA TYR A 352 24.75 40.31 3.45
C TYR A 352 26.12 40.94 3.21
N VAL A 353 26.14 42.26 3.13
CA VAL A 353 27.37 42.98 2.80
C VAL A 353 27.57 44.16 3.74
N LYS A 354 28.82 44.34 4.17
CA LYS A 354 29.16 45.37 5.13
C LYS A 354 30.62 45.76 4.97
N LYS A 355 30.97 46.96 5.41
CA LYS A 355 32.36 47.37 5.39
C LYS A 355 33.17 46.67 6.48
N LEU A 356 34.30 46.09 6.08
CA LEU A 356 35.24 45.50 7.02
C LEU A 356 36.61 46.13 6.85
N ASP A 357 37.21 46.56 7.96
CA ASP A 357 38.51 47.22 7.91
C ASP A 357 39.62 46.27 7.50
N ASP A 358 39.48 44.99 7.87
CA ASP A 358 40.49 43.99 7.56
C ASP A 358 40.57 43.75 6.06
N PHE A 359 39.49 44.07 5.36
CA PHE A 359 39.43 43.81 3.92
C PHE A 359 38.96 45.03 3.14
N VAL A 360 39.84 45.49 2.25
CA VAL A 360 39.59 46.71 1.50
C VAL A 360 38.75 46.37 0.27
N GLU A 361 38.54 45.07 0.05
CA GLU A 361 37.63 44.60 -1.01
C GLU A 361 36.23 45.17 -0.78
N THR A 362 35.89 45.34 0.49
CA THR A 362 34.56 45.79 0.88
C THR A 362 34.46 47.31 0.81
N GLY A 363 35.61 47.97 0.71
CA GLY A 363 35.67 49.42 0.69
C GLY A 363 34.91 50.04 1.85
N ASP A 364 34.19 51.12 1.55
CA ASP A 364 33.31 51.78 2.51
C ASP A 364 31.86 51.33 2.41
N ILE A 365 31.62 50.22 1.73
CA ILE A 365 30.29 49.76 1.36
C ILE A 365 29.29 49.79 2.51
N ARG A 366 28.05 50.13 2.17
CA ARG A 366 26.99 50.24 3.16
C ARG A 366 26.66 48.86 3.73
N THR A 367 26.15 48.85 4.95
CA THR A 367 25.68 47.60 5.53
C THR A 367 24.25 47.39 5.07
N MET A 368 24.05 46.35 4.27
CA MET A 368 22.74 46.10 3.68
C MET A 368 22.56 44.66 3.24
N VAL A 369 21.30 44.29 3.04
CA VAL A 369 20.97 42.97 2.54
C VAL A 369 20.80 43.10 1.02
N PHE A 370 21.73 42.49 0.29
CA PHE A 370 21.92 42.80 -1.13
C PHE A 370 21.31 41.75 -2.06
N PRO A 371 20.36 42.17 -2.91
CA PRO A 371 19.73 41.25 -3.84
C PRO A 371 20.68 40.72 -4.92
N VAL A 372 20.64 39.41 -5.12
CA VAL A 372 21.37 38.78 -6.21
C VAL A 372 20.34 38.29 -7.21
N MET A 373 19.47 37.41 -6.74
CA MET A 373 18.52 36.74 -7.62
C MET A 373 17.23 36.29 -6.93
N TYR A 374 16.12 36.28 -7.67
CA TYR A 374 14.92 35.59 -7.24
C TYR A 374 14.35 34.72 -8.36
N LEU A 375 13.36 33.91 -8.01
CA LEU A 375 12.88 32.88 -8.93
C LEU A 375 11.38 32.59 -8.80
N ASN A 376 10.75 32.23 -9.92
CA ASN A 376 9.36 31.78 -9.88
C ASN A 376 9.27 30.30 -10.20
N GLU A 377 8.90 29.51 -9.20
CA GLU A 377 8.65 28.09 -9.38
C GLU A 377 7.17 27.92 -9.67
N SER A 378 6.85 27.59 -10.92
CA SER A 378 5.47 27.70 -11.37
C SER A 378 4.94 26.42 -12.00
N VAL A 379 3.64 26.20 -11.85
CA VAL A 379 2.99 25.06 -12.48
C VAL A 379 1.57 25.45 -12.87
N HIS A 380 1.16 24.98 -14.05
CA HIS A 380 -0.18 25.21 -14.56
C HIS A 380 -0.72 23.88 -15.05
N ILE A 381 -2.00 23.63 -14.79
CA ILE A 381 -2.58 22.36 -15.19
C ILE A 381 -3.03 22.41 -16.65
N ASP A 382 -2.44 21.51 -17.43
CA ASP A 382 -2.79 21.28 -18.82
C ASP A 382 -4.27 20.93 -19.03
N LYS A 383 -4.77 21.25 -20.21
CA LYS A 383 -6.21 21.22 -20.50
C LYS A 383 -6.72 19.82 -20.82
N GLU A 384 -5.86 18.86 -21.11
CA GLU A 384 -6.35 17.48 -21.15
C GLU A 384 -6.03 16.65 -19.91
N THR A 385 -5.12 17.14 -19.07
CA THR A 385 -4.89 16.51 -17.77
C THR A 385 -5.96 16.99 -16.81
N ALA A 386 -6.53 18.15 -17.13
CA ALA A 386 -7.64 18.70 -16.38
C ALA A 386 -8.87 17.78 -16.40
N SER A 387 -9.28 17.36 -17.59
CA SER A 387 -10.50 16.56 -17.72
C SER A 387 -10.38 15.11 -17.25
N ARG A 388 -9.22 14.47 -17.46
CA ARG A 388 -9.04 13.12 -16.94
C ARG A 388 -9.12 13.19 -15.42
N LEU A 389 -8.55 14.26 -14.86
CA LEU A 389 -8.67 14.53 -13.43
C LEU A 389 -10.12 14.91 -13.12
N LYS A 390 -10.77 15.60 -14.07
CA LYS A 390 -12.17 15.95 -13.86
C LYS A 390 -13.05 14.74 -14.09
N SER A 391 -12.47 13.66 -14.59
CA SER A 391 -13.23 12.43 -14.60
C SER A 391 -13.03 11.78 -13.25
N MET A 392 -14.07 11.92 -12.43
CA MET A 392 -14.15 11.35 -11.11
C MET A 392 -15.44 10.58 -11.09
N ILE A 393 -15.85 10.10 -9.93
CA ILE A 393 -17.16 9.48 -9.71
C ILE A 393 -17.74 8.46 -10.74
N ASN A 394 -16.94 7.54 -11.29
CA ASN A 394 -15.53 7.32 -10.97
C ASN A 394 -14.66 7.45 -12.22
N ILE B 1 -41.56 -6.04 -5.16
CA ILE B 1 -41.45 -6.96 -4.04
C ILE B 1 -40.04 -7.53 -3.93
N GLU B 2 -39.51 -7.97 -5.07
CA GLU B 2 -38.13 -8.44 -5.18
C GLU B 2 -37.13 -7.38 -4.71
N LYS B 3 -37.51 -6.12 -4.87
CA LYS B 3 -36.67 -4.97 -4.56
C LYS B 3 -36.16 -4.95 -3.11
N LYS B 4 -36.84 -5.69 -2.23
CA LYS B 4 -36.50 -5.67 -0.81
C LYS B 4 -35.11 -6.20 -0.50
N ILE B 5 -34.68 -7.21 -1.23
CA ILE B 5 -33.37 -7.79 -0.99
C ILE B 5 -32.31 -7.36 -2.00
N VAL B 6 -31.43 -6.48 -1.51
CA VAL B 6 -30.29 -5.94 -2.23
C VAL B 6 -29.29 -5.65 -1.14
N LEU B 7 -28.02 -5.47 -1.47
CA LEU B 7 -27.05 -5.07 -0.46
C LEU B 7 -26.80 -3.57 -0.52
N ARG B 8 -27.33 -2.88 0.47
CA ARG B 8 -27.28 -1.45 0.62
C ARG B 8 -27.35 -1.15 2.12
N ASN B 9 -26.67 -0.09 2.58
CA ASN B 9 -26.58 0.15 4.01
C ASN B 9 -27.93 0.49 4.64
N GLY B 10 -28.93 0.74 3.79
CA GLY B 10 -30.29 0.89 4.26
C GLY B 10 -31.02 -0.41 4.57
N THR B 11 -30.93 -1.38 3.67
CA THR B 11 -31.74 -2.59 3.76
C THR B 11 -31.41 -3.49 4.96
N GLU B 12 -32.40 -4.28 5.37
CA GLU B 12 -32.23 -5.25 6.45
C GLU B 12 -31.46 -6.49 6.01
N ALA B 13 -31.57 -6.83 4.72
CA ALA B 13 -30.83 -7.95 4.15
C ALA B 13 -29.34 -7.74 4.32
N PHE B 14 -28.91 -6.48 4.28
CA PHE B 14 -27.52 -6.11 4.43
C PHE B 14 -27.09 -6.35 5.88
N ASP B 15 -27.90 -5.85 6.80
CA ASP B 15 -27.65 -6.01 8.23
C ASP B 15 -27.56 -7.50 8.57
N SER B 16 -28.37 -8.29 7.87
CA SER B 16 -28.36 -9.74 8.03
C SER B 16 -27.26 -10.42 7.23
N TRP B 17 -26.75 -9.73 6.21
CA TRP B 17 -25.61 -10.23 5.45
C TRP B 17 -24.29 -9.95 6.18
N GLU B 18 -24.14 -8.72 6.67
CA GLU B 18 -22.92 -8.30 7.37
C GLU B 18 -22.67 -9.12 8.63
N LYS B 19 -23.65 -9.16 9.52
CA LYS B 19 -23.58 -9.99 10.71
C LYS B 19 -24.78 -10.93 10.77
N PRO B 20 -24.66 -12.11 10.12
CA PRO B 20 -25.74 -13.09 10.00
C PRO B 20 -26.30 -13.55 11.34
N PRO B 21 -27.63 -13.51 11.49
CA PRO B 21 -28.36 -13.80 12.73
C PRO B 21 -28.29 -15.28 13.09
N LEU B 22 -28.20 -16.11 12.07
CA LEU B 22 -28.24 -17.55 12.23
C LEU B 22 -26.91 -18.12 12.69
N PRO B 23 -26.94 -18.96 13.73
CA PRO B 23 -25.75 -19.70 14.17
C PRO B 23 -25.43 -20.82 13.20
N VAL B 24 -24.14 -21.07 12.96
CA VAL B 24 -23.75 -22.15 12.07
C VAL B 24 -22.77 -23.06 12.80
N TYR B 25 -22.96 -24.37 12.65
CA TYR B 25 -22.16 -25.34 13.36
C TYR B 25 -21.36 -26.19 12.39
N THR B 26 -20.13 -26.51 12.78
CA THR B 26 -19.37 -27.54 12.09
C THR B 26 -19.07 -28.65 13.08
N GLN B 27 -19.45 -29.86 12.73
CA GLN B 27 -19.16 -31.03 13.54
C GLN B 27 -18.14 -31.90 12.81
N PHE B 28 -17.14 -32.38 13.54
CA PHE B 28 -16.04 -33.09 12.90
C PHE B 28 -16.07 -34.60 13.17
N TYR B 29 -15.91 -35.39 12.12
CA TYR B 29 -15.95 -36.84 12.22
C TYR B 29 -14.67 -37.46 11.68
N PHE B 30 -13.92 -38.10 12.59
CA PHE B 30 -12.66 -38.75 12.24
C PHE B 30 -12.78 -40.27 12.17
N PHE B 31 -11.97 -40.86 11.30
CA PHE B 31 -11.83 -42.31 11.27
C PHE B 31 -10.55 -42.74 11.97
N ASN B 32 -10.72 -43.49 13.06
CA ASN B 32 -9.60 -43.93 13.87
C ASN B 32 -9.11 -45.28 13.36
N VAL B 33 -7.90 -45.30 12.83
CA VAL B 33 -7.37 -46.49 12.17
C VAL B 33 -7.14 -47.62 13.18
N THR B 34 -7.68 -48.80 12.86
CA THR B 34 -7.59 -49.95 13.74
C THR B 34 -6.26 -50.70 13.64
N ASN B 35 -5.81 -50.96 12.41
CA ASN B 35 -4.69 -51.88 12.19
C ASN B 35 -3.51 -51.28 11.41
N PRO B 36 -2.81 -50.29 11.99
CA PRO B 36 -1.75 -49.56 11.30
C PRO B 36 -0.66 -50.46 10.72
N GLU B 37 -0.22 -51.45 11.49
CA GLU B 37 0.90 -52.28 11.05
C GLU B 37 0.48 -53.24 9.94
N GLU B 38 -0.72 -53.79 10.05
CA GLU B 38 -1.22 -54.73 9.04
C GLU B 38 -1.41 -54.00 7.72
N ILE B 39 -1.80 -52.73 7.80
CA ILE B 39 -1.95 -51.89 6.63
C ILE B 39 -0.62 -51.79 5.88
N LEU B 40 0.45 -51.55 6.63
CA LEU B 40 1.78 -51.43 6.04
C LEU B 40 2.24 -52.74 5.38
N ARG B 41 1.73 -53.87 5.87
CA ARG B 41 2.09 -55.15 5.30
C ARG B 41 1.03 -55.55 4.25
N GLY B 42 0.12 -54.63 3.98
CA GLY B 42 -0.66 -54.68 2.75
C GLY B 42 -2.12 -55.11 2.81
N GLU B 43 -2.61 -55.52 3.98
CA GLU B 43 -3.99 -55.98 4.09
C GLU B 43 -5.01 -54.85 4.23
N THR B 44 -6.26 -55.17 3.89
CA THR B 44 -7.36 -54.22 3.89
C THR B 44 -7.49 -53.44 5.20
N PRO B 45 -7.46 -52.10 5.12
CA PRO B 45 -7.55 -51.17 6.25
C PRO B 45 -8.92 -51.22 6.91
N ARG B 46 -8.97 -50.93 8.21
CA ARG B 46 -10.23 -50.90 8.95
C ARG B 46 -10.24 -49.71 9.91
N VAL B 47 -11.32 -48.94 9.87
CA VAL B 47 -11.44 -47.76 10.73
C VAL B 47 -12.70 -47.82 11.56
N GLU B 48 -12.74 -47.03 12.63
CA GLU B 48 -13.98 -46.82 13.35
C GLU B 48 -14.29 -45.33 13.42
N GLU B 49 -15.54 -44.98 13.14
CA GLU B 49 -15.94 -43.58 13.10
C GLU B 49 -15.96 -42.97 14.49
N VAL B 50 -15.45 -41.74 14.60
CA VAL B 50 -15.39 -41.05 15.87
C VAL B 50 -15.89 -39.61 15.74
N GLY B 51 -16.95 -39.28 16.48
CA GLY B 51 -17.51 -37.94 16.45
C GLY B 51 -18.95 -37.87 16.92
N PRO B 52 -19.52 -36.65 16.98
CA PRO B 52 -18.88 -35.42 16.53
C PRO B 52 -18.08 -34.66 17.59
N TYR B 53 -17.47 -33.56 17.14
CA TYR B 53 -16.87 -32.57 18.03
C TYR B 53 -17.41 -31.20 17.59
N THR B 54 -18.14 -30.54 18.47
CA THR B 54 -19.01 -29.42 18.06
C THR B 54 -18.38 -28.05 18.11
N TYR B 55 -18.38 -27.36 16.97
CA TYR B 55 -17.90 -25.99 16.89
C TYR B 55 -18.93 -25.06 16.26
N ARG B 56 -19.28 -24.01 16.98
CA ARG B 56 -20.17 -22.97 16.48
C ARG B 56 -19.39 -21.89 15.73
N GLU B 57 -19.80 -21.62 14.50
CA GLU B 57 -19.11 -20.63 13.68
C GLU B 57 -19.53 -19.21 14.06
N LEU B 58 -18.56 -18.30 14.13
CA LEU B 58 -18.86 -16.89 14.38
C LEU B 58 -18.58 -16.08 13.13
N ARG B 59 -19.65 -15.59 12.50
CA ARG B 59 -19.55 -15.03 11.17
C ARG B 59 -19.89 -13.55 11.13
N ASN B 60 -18.90 -12.73 10.80
CA ASN B 60 -19.17 -11.34 10.45
C ASN B 60 -18.30 -10.93 9.27
N LYS B 61 -18.86 -10.07 8.42
CA LYS B 61 -18.15 -9.58 7.24
C LYS B 61 -17.31 -8.36 7.60
N ALA B 62 -16.12 -8.28 7.00
CA ALA B 62 -15.21 -7.18 7.29
C ALA B 62 -14.67 -6.55 6.01
N ASN B 63 -14.02 -5.40 6.17
CA ASN B 63 -13.51 -4.60 5.06
C ASN B 63 -14.57 -4.39 3.98
N ILE B 64 -15.73 -3.88 4.37
CA ILE B 64 -16.79 -3.65 3.41
C ILE B 64 -16.59 -2.34 2.66
N GLN B 65 -16.43 -2.45 1.35
CA GLN B 65 -16.27 -1.30 0.48
C GLN B 65 -17.36 -1.37 -0.57
N PHE B 66 -17.74 -0.23 -1.13
CA PHE B 66 -18.88 -0.22 -2.04
C PHE B 66 -18.36 0.10 -3.43
N GLY B 67 -18.92 -0.58 -4.43
CA GLY B 67 -18.30 -0.52 -5.74
C GLY B 67 -18.96 0.29 -6.83
N ASP B 68 -18.17 0.56 -7.87
CA ASP B 68 -18.66 0.86 -9.21
C ASP B 68 -19.91 1.71 -9.35
N ASN B 69 -20.91 1.07 -9.96
CA ASN B 69 -22.27 1.56 -10.12
C ASN B 69 -23.00 1.60 -8.81
N GLY B 70 -22.57 0.74 -7.90
CA GLY B 70 -23.28 0.53 -6.67
C GLY B 70 -23.83 -0.85 -6.93
N THR B 71 -23.40 -1.41 -8.06
CA THR B 71 -23.83 -2.71 -8.54
C THR B 71 -22.94 -3.76 -7.91
N THR B 72 -21.80 -3.32 -7.38
CA THR B 72 -20.86 -4.22 -6.73
C THR B 72 -20.63 -3.87 -5.26
N ILE B 73 -20.19 -4.87 -4.50
CA ILE B 73 -19.85 -4.73 -3.09
C ILE B 73 -18.57 -5.53 -2.90
N SER B 74 -17.75 -5.18 -1.91
CA SER B 74 -16.57 -5.98 -1.64
C SER B 74 -16.33 -6.16 -0.15
N ALA B 75 -15.82 -7.32 0.21
CA ALA B 75 -15.63 -7.69 1.62
C ALA B 75 -14.84 -8.99 1.75
N VAL B 76 -14.63 -9.40 2.99
CA VAL B 76 -14.08 -10.72 3.31
C VAL B 76 -14.99 -11.40 4.34
N SER B 77 -14.88 -12.72 4.46
CA SER B 77 -15.73 -13.46 5.39
C SER B 77 -14.91 -14.17 6.47
N ASN B 78 -15.04 -13.69 7.71
CA ASN B 78 -14.30 -14.20 8.84
C ASN B 78 -15.08 -15.25 9.64
N LYS B 79 -14.56 -16.47 9.69
CA LYS B 79 -15.18 -17.51 10.51
C LYS B 79 -14.29 -17.97 11.66
N ALA B 80 -14.90 -18.07 12.84
CA ALA B 80 -14.21 -18.58 14.03
C ALA B 80 -15.00 -19.74 14.59
N TYR B 81 -14.35 -20.62 15.35
CA TYR B 81 -15.00 -21.84 15.81
C TYR B 81 -15.00 -21.93 17.33
N VAL B 82 -16.19 -21.95 17.92
CA VAL B 82 -16.31 -22.01 19.37
C VAL B 82 -16.81 -23.37 19.82
N PHE B 83 -15.94 -24.11 20.49
CA PHE B 83 -16.22 -25.50 20.81
C PHE B 83 -17.30 -25.65 21.87
N GLU B 84 -18.32 -26.44 21.55
CA GLU B 84 -19.32 -26.83 22.53
C GLU B 84 -19.11 -28.29 22.93
N ARG B 85 -18.65 -28.50 24.15
CA ARG B 85 -18.33 -29.83 24.63
C ARG B 85 -19.57 -30.71 24.76
N ASP B 86 -20.64 -30.13 25.28
CA ASP B 86 -21.83 -30.89 25.64
C ASP B 86 -22.58 -31.41 24.41
N GLN B 87 -22.25 -30.86 23.25
CA GLN B 87 -22.77 -31.36 21.98
C GLN B 87 -21.78 -32.30 21.29
N SER B 88 -20.68 -32.61 21.98
CA SER B 88 -19.65 -33.49 21.43
C SER B 88 -19.38 -34.74 22.26
N VAL B 89 -18.76 -35.74 21.63
CA VAL B 89 -18.33 -36.97 22.27
C VAL B 89 -17.41 -36.75 23.47
N GLY B 90 -16.39 -35.91 23.27
CA GLY B 90 -15.37 -35.74 24.29
C GLY B 90 -14.64 -34.42 24.15
N ASP B 91 -13.58 -34.27 24.93
CA ASP B 91 -12.73 -33.09 24.81
C ASP B 91 -11.60 -33.39 23.83
N PRO B 92 -11.64 -32.77 22.65
CA PRO B 92 -10.74 -33.01 21.51
C PRO B 92 -9.30 -32.73 21.88
N LYS B 93 -9.10 -32.03 23.00
CA LYS B 93 -7.77 -31.80 23.53
C LYS B 93 -7.25 -33.09 24.16
N ILE B 94 -8.13 -33.81 24.85
CA ILE B 94 -7.80 -35.15 25.36
C ILE B 94 -7.93 -36.25 24.32
N ASP B 95 -9.06 -36.27 23.60
CA ASP B 95 -9.37 -37.37 22.70
C ASP B 95 -8.29 -37.62 21.65
N LEU B 96 -7.94 -38.88 21.48
CA LEU B 96 -6.85 -39.28 20.60
C LEU B 96 -7.40 -39.85 19.29
N ILE B 97 -6.67 -39.61 18.20
CA ILE B 97 -7.01 -40.20 16.90
C ILE B 97 -5.74 -40.64 16.19
N ARG B 98 -5.76 -41.85 15.63
CA ARG B 98 -4.63 -42.34 14.86
C ARG B 98 -4.96 -42.50 13.38
N THR B 99 -4.21 -41.80 12.55
CA THR B 99 -4.38 -41.87 11.10
C THR B 99 -3.04 -41.76 10.40
N LEU B 100 -3.11 -41.59 9.09
CA LEU B 100 -1.92 -41.39 8.26
C LEU B 100 -1.11 -40.24 8.77
N ASN B 101 0.21 -40.32 8.58
CA ASN B 101 1.04 -39.19 8.95
C ASN B 101 1.10 -38.33 7.70
N ILE B 102 0.30 -37.26 7.71
CA ILE B 102 0.15 -36.41 6.54
C ILE B 102 1.37 -35.52 6.25
N PRO B 103 1.95 -34.87 7.29
CA PRO B 103 3.11 -34.00 7.02
C PRO B 103 4.23 -34.70 6.24
N VAL B 104 4.56 -35.92 6.62
CA VAL B 104 5.60 -36.65 5.89
C VAL B 104 5.07 -37.05 4.51
N LEU B 105 3.76 -37.30 4.41
CA LEU B 105 3.17 -37.72 3.14
C LEU B 105 3.23 -36.65 2.06
N THR B 106 3.20 -35.38 2.48
CA THR B 106 3.31 -34.29 1.51
C THR B 106 4.76 -34.05 1.10
N VAL B 107 5.68 -34.08 2.07
CA VAL B 107 7.09 -33.86 1.79
C VAL B 107 7.65 -35.00 0.93
N ILE B 108 7.05 -36.18 1.06
CA ILE B 108 7.42 -37.30 0.21
C ILE B 108 6.92 -37.02 -1.21
N GLU B 109 5.72 -36.46 -1.31
CA GLU B 109 5.23 -35.96 -2.58
C GLU B 109 6.12 -34.81 -3.07
N TRP B 110 6.45 -33.89 -2.15
CA TRP B 110 7.37 -32.79 -2.45
C TRP B 110 8.76 -33.28 -2.85
N SER B 111 9.08 -34.51 -2.49
CA SER B 111 10.33 -35.12 -2.91
C SER B 111 10.25 -35.48 -4.40
N GLN B 112 9.13 -36.10 -4.78
CA GLN B 112 8.97 -36.65 -6.12
C GLN B 112 8.69 -35.59 -7.20
N VAL B 113 7.73 -34.70 -6.97
CA VAL B 113 7.60 -33.47 -7.75
C VAL B 113 8.21 -32.35 -6.90
N HIS B 114 9.00 -31.43 -7.44
CA HIS B 114 9.62 -30.71 -6.37
C HIS B 114 9.16 -29.24 -6.19
N PHE B 115 8.32 -29.12 -5.17
CA PHE B 115 7.80 -27.89 -4.59
C PHE B 115 8.82 -27.43 -3.55
N LEU B 116 9.41 -28.40 -2.86
CA LEU B 116 10.72 -28.26 -2.25
C LEU B 116 11.49 -29.41 -2.88
N ARG B 117 12.74 -29.62 -2.50
CA ARG B 117 13.52 -30.56 -3.27
C ARG B 117 13.84 -31.87 -2.61
N GLU B 118 13.92 -32.87 -3.45
CA GLU B 118 14.55 -34.13 -3.10
C GLU B 118 15.97 -33.79 -2.65
N ILE B 119 16.59 -34.70 -1.89
CA ILE B 119 17.97 -34.65 -1.32
C ILE B 119 17.99 -33.90 0.02
N ILE B 120 16.94 -33.15 0.33
CA ILE B 120 16.75 -32.67 1.70
C ILE B 120 15.78 -33.66 2.32
N GLU B 121 15.43 -34.66 1.52
CA GLU B 121 14.90 -35.93 2.01
C GLU B 121 15.88 -36.57 3.00
N ALA B 122 17.12 -36.09 3.00
CA ALA B 122 18.15 -36.55 3.93
C ALA B 122 17.63 -36.58 5.36
N MET B 123 16.90 -35.53 5.75
CA MET B 123 16.28 -35.45 7.07
C MET B 123 15.37 -36.66 7.35
N LEU B 124 14.81 -37.25 6.30
CA LEU B 124 13.91 -38.39 6.43
C LEU B 124 14.62 -39.69 6.83
N LYS B 125 15.74 -39.98 6.18
CA LYS B 125 16.47 -41.22 6.46
C LYS B 125 17.34 -41.07 7.70
N ALA B 126 17.72 -39.84 8.00
CA ALA B 126 18.46 -39.56 9.22
C ALA B 126 17.52 -39.68 10.39
N TYR B 127 16.29 -39.18 10.22
CA TYR B 127 15.30 -39.23 11.28
C TYR B 127 14.00 -40.04 11.05
N GLN B 128 13.88 -41.15 11.77
CA GLN B 128 12.70 -41.30 12.64
C GLN B 128 11.24 -41.55 12.20
N GLN B 129 10.85 -41.36 10.94
CA GLN B 129 9.41 -41.23 10.73
C GLN B 129 8.59 -42.43 10.25
N LYS B 130 7.37 -42.45 10.80
CA LYS B 130 6.37 -43.49 10.62
C LYS B 130 5.22 -43.00 9.75
N LEU B 131 4.61 -43.90 8.98
CA LEU B 131 3.48 -43.52 8.13
C LEU B 131 2.16 -43.44 8.88
N PHE B 132 2.11 -43.96 10.11
CA PHE B 132 0.95 -43.76 10.96
C PHE B 132 1.31 -43.14 12.31
N VAL B 133 0.48 -42.20 12.73
CA VAL B 133 0.78 -41.34 13.86
C VAL B 133 -0.45 -41.14 14.74
N THR B 134 -0.25 -40.79 16.01
CA THR B 134 -1.36 -40.50 16.90
C THR B 134 -1.25 -39.12 17.55
N HIS B 135 -2.31 -38.34 17.42
CA HIS B 135 -2.39 -37.00 18.02
C HIS B 135 -3.80 -36.73 18.47
N THR B 136 -3.93 -35.85 19.45
CA THR B 136 -5.24 -35.42 19.92
C THR B 136 -6.00 -34.74 18.78
N VAL B 137 -7.33 -34.82 18.83
CA VAL B 137 -8.18 -34.21 17.81
C VAL B 137 -7.87 -32.73 17.64
N ASP B 138 -7.73 -32.03 18.76
CA ASP B 138 -7.36 -30.62 18.75
C ASP B 138 -6.09 -30.37 17.94
N GLU B 139 -5.14 -31.28 18.04
CA GLU B 139 -3.87 -31.13 17.31
C GLU B 139 -4.04 -31.28 15.80
N LEU B 140 -4.77 -32.31 15.36
CA LEU B 140 -4.98 -32.53 13.93
C LEU B 140 -5.70 -31.35 13.29
N LEU B 141 -6.72 -30.83 13.97
CA LEU B 141 -7.52 -29.74 13.43
C LEU B 141 -6.87 -28.37 13.53
N TRP B 142 -6.34 -28.04 14.71
CA TRP B 142 -5.84 -26.69 14.95
C TRP B 142 -4.33 -26.56 14.82
N GLY B 143 -3.67 -27.66 14.46
CA GLY B 143 -2.24 -27.62 14.20
C GLY B 143 -1.37 -28.21 15.30
N TYR B 144 -0.25 -28.78 14.89
CA TYR B 144 0.69 -29.42 15.79
C TYR B 144 2.09 -29.39 15.18
N LYS B 145 3.10 -29.57 16.01
CA LYS B 145 4.50 -29.51 15.57
C LYS B 145 4.97 -30.82 14.98
N ASP B 146 5.33 -30.81 13.70
CA ASP B 146 5.99 -31.98 13.12
C ASP B 146 7.46 -31.64 13.17
N GLU B 147 8.30 -32.56 13.61
CA GLU B 147 9.70 -32.18 13.75
C GLU B 147 10.41 -32.22 12.39
N ILE B 148 9.95 -33.06 11.46
CA ILE B 148 10.49 -33.03 10.10
C ILE B 148 10.27 -31.66 9.49
N LEU B 149 9.03 -31.18 9.55
CA LEU B 149 8.71 -29.84 9.07
C LEU B 149 9.57 -28.82 9.80
N SER B 150 9.78 -29.06 11.09
CA SER B 150 10.59 -28.19 11.94
C SER B 150 12.04 -28.12 11.47
N LEU B 151 12.60 -29.26 11.07
CA LEU B 151 13.97 -29.31 10.57
C LEU B 151 14.08 -28.58 9.24
N ILE B 152 13.21 -28.94 8.30
CA ILE B 152 13.17 -28.32 6.98
C ILE B 152 12.97 -26.82 7.10
N HIS B 153 12.24 -26.42 8.15
CA HIS B 153 12.01 -25.01 8.43
C HIS B 153 13.29 -24.24 8.72
N VAL B 154 14.28 -24.94 9.26
CA VAL B 154 15.56 -24.32 9.61
C VAL B 154 16.29 -23.91 8.33
N PHE B 155 16.27 -24.79 7.34
CA PHE B 155 16.96 -24.55 6.07
C PHE B 155 16.23 -23.55 5.18
N ARG B 156 14.94 -23.78 4.97
CA ARG B 156 14.10 -22.78 4.33
C ARG B 156 12.98 -22.33 5.29
N PRO B 157 13.10 -21.11 5.82
CA PRO B 157 12.19 -20.52 6.82
C PRO B 157 10.77 -20.23 6.30
N ASP B 158 10.58 -20.23 4.99
CA ASP B 158 9.27 -19.98 4.40
C ASP B 158 8.28 -21.10 4.76
N ILE B 159 8.76 -22.34 4.74
CA ILE B 159 7.95 -23.49 5.13
C ILE B 159 7.58 -23.42 6.61
N SER B 160 6.31 -23.68 6.90
CA SER B 160 5.83 -23.65 8.27
C SER B 160 5.99 -25.03 8.91
N PRO B 161 6.54 -25.07 10.12
CA PRO B 161 6.76 -26.32 10.86
C PRO B 161 5.45 -26.95 11.35
N TYR B 162 4.36 -26.18 11.32
CA TYR B 162 3.08 -26.63 11.86
C TYR B 162 2.22 -27.25 10.77
N PHE B 163 1.68 -28.44 11.05
CA PHE B 163 0.67 -29.01 10.17
C PHE B 163 -0.66 -29.06 10.90
N GLY B 164 -1.73 -28.87 10.13
CA GLY B 164 -3.08 -29.06 10.63
C GLY B 164 -4.03 -29.14 9.47
N LEU B 165 -5.16 -29.79 9.68
CA LEU B 165 -6.19 -29.86 8.66
C LEU B 165 -6.80 -28.48 8.48
N PHE B 166 -7.25 -27.93 9.60
CA PHE B 166 -7.80 -26.58 9.69
C PHE B 166 -6.85 -25.51 10.25
N TYR B 167 -5.55 -25.83 10.34
CA TYR B 167 -4.62 -25.04 11.14
C TYR B 167 -4.65 -23.51 10.98
N GLU B 168 -4.77 -22.87 12.14
CA GLU B 168 -4.86 -21.43 12.30
C GLU B 168 -5.81 -20.78 11.27
N LYS B 169 -6.90 -21.49 10.99
CA LYS B 169 -7.99 -20.92 10.21
C LYS B 169 -9.09 -20.39 11.12
N ASN B 170 -8.82 -20.46 12.42
CA ASN B 170 -9.70 -19.83 13.39
C ASN B 170 -9.51 -18.31 13.36
N GLY B 171 -10.61 -17.59 13.15
CA GLY B 171 -10.60 -16.14 13.26
C GLY B 171 -10.20 -15.40 12.00
N THR B 172 -9.90 -16.13 10.94
CA THR B 172 -9.40 -15.50 9.71
C THR B 172 -10.40 -15.58 8.58
N ASN B 173 -10.36 -14.56 7.72
CA ASN B 173 -11.10 -14.59 6.49
C ASN B 173 -10.37 -15.42 5.44
N ASP B 174 -11.15 -16.10 4.60
CA ASP B 174 -10.64 -16.69 3.37
C ASP B 174 -10.86 -15.74 2.21
N GLY B 175 -9.78 -15.29 1.59
CA GLY B 175 -9.92 -14.68 0.29
C GLY B 175 -10.38 -13.23 0.33
N ASP B 176 -10.16 -12.51 -0.76
CA ASP B 176 -10.77 -11.20 -0.93
C ASP B 176 -11.92 -11.32 -1.94
N TYR B 177 -13.14 -11.08 -1.48
CA TYR B 177 -14.32 -11.20 -2.34
C TYR B 177 -14.84 -9.84 -2.74
N VAL B 178 -15.29 -9.75 -3.98
CA VAL B 178 -16.14 -8.65 -4.41
C VAL B 178 -17.43 -9.23 -4.94
N PHE B 179 -18.55 -8.67 -4.50
CA PHE B 179 -19.84 -9.31 -4.66
C PHE B 179 -20.78 -8.47 -5.49
N LEU B 180 -21.70 -9.15 -6.18
CA LEU B 180 -22.63 -8.46 -7.05
C LEU B 180 -23.94 -8.25 -6.32
N THR B 181 -24.25 -7.00 -5.99
CA THR B 181 -25.48 -6.67 -5.30
C THR B 181 -26.63 -6.80 -6.28
N GLY B 182 -27.85 -6.81 -5.76
CA GLY B 182 -29.03 -7.04 -6.57
C GLY B 182 -29.51 -5.86 -7.41
N GLU B 183 -28.68 -4.83 -7.57
CA GLU B 183 -29.11 -3.62 -8.23
C GLU B 183 -29.28 -3.74 -9.74
N ASP B 184 -28.29 -4.32 -10.43
CA ASP B 184 -28.43 -4.57 -11.86
C ASP B 184 -29.61 -5.51 -12.11
N SER B 185 -29.61 -6.62 -11.40
CA SER B 185 -30.77 -7.51 -11.33
C SER B 185 -30.69 -8.32 -10.03
N TYR B 186 -31.82 -8.82 -9.57
CA TYR B 186 -31.86 -9.68 -8.40
C TYR B 186 -31.21 -11.03 -8.69
N LEU B 187 -31.34 -11.51 -9.93
CA LEU B 187 -30.81 -12.83 -10.31
C LEU B 187 -29.32 -12.99 -10.02
N ASN B 188 -28.60 -11.87 -10.05
CA ASN B 188 -27.17 -11.88 -9.80
C ASN B 188 -26.79 -11.50 -8.37
N PHE B 189 -27.80 -11.44 -7.50
CA PHE B 189 -27.61 -11.18 -6.07
C PHE B 189 -26.53 -12.07 -5.47
N THR B 190 -25.61 -11.43 -4.74
CA THR B 190 -24.44 -12.03 -4.10
C THR B 190 -23.71 -13.03 -5.00
N LYS B 191 -23.64 -12.72 -6.29
CA LYS B 191 -22.83 -13.49 -7.21
C LYS B 191 -21.37 -13.14 -6.97
N ILE B 192 -20.47 -14.08 -7.28
CA ILE B 192 -19.05 -13.80 -7.14
C ILE B 192 -18.50 -13.32 -8.48
N VAL B 193 -18.18 -12.03 -8.55
CA VAL B 193 -17.57 -11.48 -9.76
C VAL B 193 -16.05 -11.72 -9.76
N GLU B 194 -15.43 -11.62 -8.60
CA GLU B 194 -13.99 -11.79 -8.48
C GLU B 194 -13.57 -12.28 -7.10
N TRP B 195 -12.55 -13.12 -7.05
CA TRP B 195 -12.01 -13.63 -5.80
C TRP B 195 -10.48 -13.62 -5.84
N ASN B 196 -9.86 -13.13 -4.77
CA ASN B 196 -8.41 -13.01 -4.68
C ASN B 196 -7.81 -12.17 -5.82
N GLY B 197 -8.62 -11.27 -6.38
CA GLY B 197 -8.17 -10.42 -7.47
C GLY B 197 -8.17 -11.02 -8.87
N LYS B 198 -8.42 -12.32 -8.97
CA LYS B 198 -8.56 -12.95 -10.29
C LYS B 198 -9.99 -13.47 -10.49
N THR B 199 -10.54 -13.24 -11.68
CA THR B 199 -11.94 -13.58 -11.93
C THR B 199 -12.11 -15.01 -12.40
N SER B 200 -11.00 -15.73 -12.52
CA SER B 200 -11.05 -17.14 -12.89
C SER B 200 -10.05 -17.95 -12.07
N LEU B 201 -10.21 -19.27 -12.08
CA LEU B 201 -9.25 -20.17 -11.44
C LEU B 201 -8.11 -20.51 -12.39
N ASP B 202 -6.89 -20.53 -11.85
CA ASP B 202 -5.70 -20.89 -12.61
C ASP B 202 -5.31 -22.36 -12.40
N TRP B 203 -6.06 -23.07 -11.57
CA TRP B 203 -5.72 -24.42 -11.14
C TRP B 203 -6.02 -25.57 -12.11
N TRP B 204 -7.02 -25.41 -12.97
CA TRP B 204 -7.54 -26.56 -13.70
C TRP B 204 -7.23 -26.43 -15.19
N ILE B 205 -7.17 -27.56 -15.88
CA ILE B 205 -6.58 -27.61 -17.21
C ILE B 205 -7.48 -27.06 -18.33
N THR B 206 -8.76 -26.80 -18.04
CA THR B 206 -9.63 -26.21 -19.07
C THR B 206 -10.33 -24.91 -18.64
N ASP B 207 -10.75 -24.14 -19.64
CA ASP B 207 -11.38 -22.84 -19.44
C ASP B 207 -12.71 -22.92 -18.70
N LYS B 208 -13.51 -23.93 -19.00
CA LYS B 208 -14.84 -24.05 -18.43
C LYS B 208 -14.76 -24.56 -17.00
N CYS B 209 -13.91 -25.55 -16.78
CA CYS B 209 -13.66 -26.08 -15.45
C CYS B 209 -13.14 -24.99 -14.50
N ASN B 210 -12.43 -24.02 -15.05
CA ASN B 210 -11.82 -22.96 -14.25
C ASN B 210 -12.73 -21.79 -13.95
N MET B 211 -13.98 -21.85 -14.42
CA MET B 211 -14.92 -20.76 -14.15
C MET B 211 -15.25 -20.63 -12.68
N ILE B 212 -15.64 -19.42 -12.30
CA ILE B 212 -16.24 -19.19 -10.99
C ILE B 212 -17.70 -18.88 -11.21
N ASN B 213 -18.54 -19.81 -10.79
CA ASN B 213 -19.97 -19.70 -10.96
C ASN B 213 -20.68 -19.40 -9.65
N GLY B 214 -21.74 -18.62 -9.74
CA GLY B 214 -22.68 -18.47 -8.64
C GLY B 214 -22.14 -17.88 -7.35
N THR B 215 -22.98 -17.95 -6.32
CA THR B 215 -22.69 -17.39 -5.01
C THR B 215 -21.76 -18.28 -4.18
N ASP B 216 -21.36 -17.77 -3.01
CA ASP B 216 -20.55 -18.50 -2.06
C ASP B 216 -21.30 -19.71 -1.47
N GLY B 217 -22.64 -19.64 -1.49
CA GLY B 217 -23.46 -20.74 -1.00
C GLY B 217 -24.14 -20.50 0.32
N ASP B 218 -23.95 -19.32 0.90
CA ASP B 218 -24.62 -18.96 2.15
C ASP B 218 -25.88 -18.15 1.90
N SER B 219 -26.16 -17.84 0.64
CA SER B 219 -27.37 -17.13 0.27
C SER B 219 -27.70 -17.40 -1.19
N PHE B 220 -28.92 -17.10 -1.61
CA PHE B 220 -29.29 -17.32 -3.00
C PHE B 220 -30.14 -16.19 -3.59
N HIS B 221 -30.27 -16.20 -4.91
CA HIS B 221 -31.02 -15.17 -5.60
C HIS B 221 -32.51 -15.36 -5.37
N PRO B 222 -33.21 -14.25 -5.15
CA PRO B 222 -34.65 -14.16 -4.87
C PRO B 222 -35.47 -14.80 -5.98
N LEU B 223 -36.70 -15.16 -5.68
CA LEU B 223 -37.61 -15.70 -6.69
C LEU B 223 -37.01 -16.94 -7.33
N ILE B 224 -36.62 -17.91 -6.51
CA ILE B 224 -36.08 -19.15 -7.03
C ILE B 224 -37.23 -19.90 -7.70
N THR B 225 -36.89 -20.80 -8.61
CA THR B 225 -37.88 -21.60 -9.31
C THR B 225 -37.38 -23.04 -9.39
N LYS B 226 -38.30 -23.99 -9.31
CA LYS B 226 -37.97 -25.41 -9.26
C LYS B 226 -37.17 -25.92 -10.46
N ASP B 227 -37.30 -25.24 -11.60
CA ASP B 227 -36.66 -25.73 -12.83
C ASP B 227 -35.15 -25.47 -12.88
N GLU B 228 -34.71 -24.36 -12.31
CA GLU B 228 -33.34 -23.91 -12.55
C GLU B 228 -32.29 -24.69 -11.77
N VAL B 229 -31.04 -24.36 -12.03
CA VAL B 229 -29.90 -24.94 -11.34
C VAL B 229 -29.12 -23.82 -10.68
N LEU B 230 -28.75 -23.99 -9.42
CA LEU B 230 -28.06 -22.94 -8.68
C LEU B 230 -26.59 -23.29 -8.51
N TYR B 231 -25.73 -22.44 -9.06
CA TYR B 231 -24.29 -22.62 -8.92
C TYR B 231 -23.77 -22.03 -7.62
N VAL B 232 -22.77 -22.70 -7.06
CA VAL B 232 -22.14 -22.28 -5.81
C VAL B 232 -20.64 -22.52 -5.91
N PHE B 233 -19.85 -21.54 -5.49
CA PHE B 233 -18.41 -21.75 -5.46
C PHE B 233 -17.92 -21.91 -4.02
N PRO B 234 -17.70 -23.17 -3.59
CA PRO B 234 -17.02 -23.40 -2.31
C PRO B 234 -15.53 -23.16 -2.44
N SER B 235 -15.00 -22.19 -1.71
CA SER B 235 -13.57 -21.87 -1.75
C SER B 235 -12.70 -23.08 -1.41
N ASP B 236 -13.04 -23.75 -0.32
CA ASP B 236 -12.23 -24.83 0.23
C ASP B 236 -12.27 -26.07 -0.65
N PHE B 237 -13.26 -26.15 -1.52
CA PHE B 237 -13.42 -27.32 -2.37
C PHE B 237 -12.57 -27.13 -3.63
N CYS B 238 -12.11 -25.88 -3.81
CA CYS B 238 -11.16 -25.53 -4.88
C CYS B 238 -11.81 -25.47 -6.25
N ARG B 239 -13.10 -25.75 -6.32
CA ARG B 239 -13.84 -25.62 -7.58
C ARG B 239 -15.29 -25.19 -7.36
N SER B 240 -16.02 -25.03 -8.47
CA SER B 240 -17.42 -24.62 -8.42
C SER B 240 -18.37 -25.79 -8.62
N VAL B 241 -19.45 -25.80 -7.85
CA VAL B 241 -20.44 -26.87 -7.89
C VAL B 241 -21.83 -26.25 -8.06
N TYR B 242 -22.78 -27.04 -8.58
CA TYR B 242 -24.17 -26.61 -8.67
C TYR B 242 -25.04 -27.60 -7.92
N ILE B 243 -26.28 -27.19 -7.63
CA ILE B 243 -27.23 -28.08 -7.00
C ILE B 243 -28.53 -28.18 -7.82
N THR B 244 -29.09 -29.38 -7.89
CA THR B 244 -30.30 -29.63 -8.65
C THR B 244 -31.45 -29.95 -7.70
N PHE B 245 -32.65 -29.56 -8.10
CA PHE B 245 -33.84 -29.67 -7.27
C PHE B 245 -34.14 -31.12 -6.86
N SER B 246 -34.57 -31.31 -5.62
CA SER B 246 -34.83 -32.66 -5.10
C SER B 246 -36.29 -32.88 -4.69
N ASP B 247 -36.75 -32.17 -3.67
CA ASP B 247 -38.16 -32.26 -3.30
C ASP B 247 -38.67 -31.03 -2.54
N TYR B 248 -39.96 -31.04 -2.23
CA TYR B 248 -40.59 -29.92 -1.54
C TYR B 248 -40.60 -30.15 -0.04
N GLU B 249 -40.05 -29.19 0.70
CA GLU B 249 -40.02 -29.26 2.15
C GLU B 249 -40.66 -28.04 2.77
N SER B 250 -41.17 -28.20 3.98
CA SER B 250 -41.60 -27.08 4.78
C SER B 250 -40.81 -27.04 6.08
N VAL B 251 -39.95 -26.04 6.20
CA VAL B 251 -39.22 -25.82 7.44
C VAL B 251 -39.97 -24.72 8.16
N GLN B 252 -40.14 -24.90 9.47
CA GLN B 252 -40.93 -23.96 10.25
C GLN B 252 -42.35 -23.85 9.70
N GLY B 253 -42.76 -22.60 9.43
CA GLY B 253 -44.04 -22.34 8.80
C GLY B 253 -43.89 -22.05 7.32
N LEU B 254 -42.66 -22.15 6.82
CA LEU B 254 -42.36 -21.61 5.50
C LEU B 254 -42.06 -22.69 4.46
N PRO B 255 -42.39 -22.41 3.19
CA PRO B 255 -42.12 -23.33 2.09
C PRO B 255 -40.64 -23.33 1.78
N ALA B 256 -40.14 -24.44 1.25
CA ALA B 256 -38.73 -24.50 0.88
C ALA B 256 -38.49 -25.48 -0.27
N PHE B 257 -37.48 -25.18 -1.07
CA PHE B 257 -37.01 -26.12 -2.07
C PHE B 257 -35.77 -26.82 -1.54
N ARG B 258 -35.79 -28.14 -1.62
CA ARG B 258 -34.63 -28.91 -1.21
C ARG B 258 -33.76 -29.18 -2.42
N TYR B 259 -32.58 -28.57 -2.42
CA TYR B 259 -31.59 -28.79 -3.46
C TYR B 259 -30.48 -29.66 -2.90
N LYS B 260 -29.97 -30.58 -3.71
CA LYS B 260 -28.88 -31.44 -3.26
C LYS B 260 -27.76 -31.44 -4.29
N VAL B 261 -26.58 -31.89 -3.89
CA VAL B 261 -25.47 -32.02 -4.83
C VAL B 261 -25.55 -33.40 -5.47
N PRO B 262 -25.83 -33.42 -6.78
CA PRO B 262 -25.99 -34.65 -7.57
C PRO B 262 -24.66 -35.33 -7.84
N ALA B 263 -24.66 -36.66 -7.96
CA ALA B 263 -23.45 -37.45 -8.14
C ALA B 263 -22.65 -37.03 -9.38
N GLU B 264 -23.33 -36.40 -10.33
CA GLU B 264 -22.70 -35.95 -11.58
C GLU B 264 -21.49 -35.05 -11.32
N ILE B 265 -21.58 -34.22 -10.28
CA ILE B 265 -20.54 -33.25 -9.97
C ILE B 265 -19.14 -33.86 -9.87
N LEU B 266 -18.97 -34.84 -8.98
CA LEU B 266 -17.67 -35.47 -8.78
C LEU B 266 -17.47 -36.76 -9.56
N ALA B 267 -18.42 -37.10 -10.42
CA ALA B 267 -18.33 -38.34 -11.19
C ALA B 267 -17.32 -38.20 -12.32
N ASN B 268 -16.78 -39.32 -12.77
CA ASN B 268 -15.87 -39.33 -13.90
C ASN B 268 -16.69 -39.07 -15.15
N THR B 269 -16.40 -37.97 -15.82
CA THR B 269 -17.11 -37.59 -17.04
C THR B 269 -16.30 -36.56 -17.85
N SER B 270 -16.64 -36.44 -19.13
CA SER B 270 -15.85 -35.63 -20.05
C SER B 270 -16.04 -34.14 -19.79
N ASP B 271 -17.11 -33.78 -19.10
CA ASP B 271 -17.32 -32.40 -18.67
C ASP B 271 -16.43 -32.05 -17.48
N ASN B 272 -16.22 -33.04 -16.60
CA ASN B 272 -15.43 -32.85 -15.39
C ASN B 272 -13.95 -33.16 -15.66
N ALA B 273 -13.65 -33.53 -16.90
CA ALA B 273 -12.33 -34.05 -17.26
C ALA B 273 -11.20 -33.05 -17.03
N GLY B 274 -11.55 -31.77 -16.88
CA GLY B 274 -10.55 -30.75 -16.66
C GLY B 274 -10.01 -30.74 -15.24
N PHE B 275 -10.68 -31.47 -14.35
CA PHE B 275 -10.30 -31.52 -12.95
C PHE B 275 -9.23 -32.57 -12.66
N CYS B 276 -8.89 -33.36 -13.67
CA CYS B 276 -7.71 -34.20 -13.58
C CYS B 276 -6.51 -33.35 -13.99
N ILE B 277 -5.57 -33.16 -13.07
CA ILE B 277 -4.36 -32.38 -13.36
C ILE B 277 -3.47 -33.10 -14.36
N PRO B 278 -3.23 -34.42 -14.17
CA PRO B 278 -2.66 -35.09 -15.34
C PRO B 278 -3.68 -35.03 -16.47
N GLU B 279 -3.22 -34.98 -17.71
CA GLU B 279 -4.16 -34.90 -18.82
C GLU B 279 -4.40 -36.27 -19.44
N GLY B 280 -5.66 -36.54 -19.74
CA GLY B 280 -6.08 -37.85 -20.23
C GLY B 280 -6.24 -38.89 -19.15
N ASN B 281 -5.86 -38.55 -17.92
CA ASN B 281 -5.98 -39.48 -16.80
C ASN B 281 -6.47 -38.87 -15.50
N CYS B 282 -7.62 -39.34 -15.01
CA CYS B 282 -8.04 -38.99 -13.67
C CYS B 282 -8.52 -40.23 -12.92
N LEU B 283 -8.59 -40.10 -11.61
CA LEU B 283 -8.64 -41.24 -10.70
C LEU B 283 -10.05 -41.83 -10.51
N GLY B 284 -11.08 -41.09 -10.92
CA GLY B 284 -12.44 -41.63 -10.91
C GLY B 284 -13.54 -40.98 -10.09
N SER B 285 -14.71 -41.63 -10.11
CA SER B 285 -15.96 -41.11 -9.56
C SER B 285 -15.99 -40.71 -8.09
N GLY B 286 -16.63 -39.57 -7.82
CA GLY B 286 -17.00 -39.16 -6.48
C GLY B 286 -15.87 -38.58 -5.66
N VAL B 287 -14.68 -38.58 -6.24
CA VAL B 287 -13.52 -38.00 -5.59
C VAL B 287 -12.77 -37.04 -6.51
N LEU B 288 -12.21 -35.99 -5.92
CA LEU B 288 -11.47 -35.00 -6.70
C LEU B 288 -10.07 -34.83 -6.14
N ASN B 289 -9.11 -34.57 -7.02
CA ASN B 289 -7.75 -34.30 -6.55
C ASN B 289 -7.58 -32.80 -6.41
N VAL B 290 -7.58 -32.36 -5.15
CA VAL B 290 -7.59 -30.95 -4.78
C VAL B 290 -6.17 -30.47 -4.49
N SER B 291 -5.20 -31.34 -4.80
CA SER B 291 -3.81 -31.14 -4.44
C SER B 291 -3.30 -29.72 -4.69
N ILE B 292 -3.53 -29.21 -5.90
CA ILE B 292 -3.00 -27.92 -6.29
C ILE B 292 -3.57 -26.79 -5.43
N CYS B 293 -4.79 -26.97 -4.92
CA CYS B 293 -5.32 -26.04 -3.93
C CYS B 293 -4.45 -26.05 -2.68
N LYS B 294 -4.08 -27.24 -2.20
CA LYS B 294 -3.30 -27.30 -0.96
C LYS B 294 -1.84 -27.65 -1.24
N ASN B 295 -0.99 -26.63 -1.34
CA ASN B 295 0.48 -26.75 -1.24
C ASN B 295 1.12 -28.02 -1.82
N GLY B 296 0.58 -28.55 -2.91
CA GLY B 296 1.16 -29.73 -3.51
C GLY B 296 0.90 -31.01 -2.71
N ALA B 297 0.00 -30.94 -1.74
CA ALA B 297 -0.30 -32.08 -0.88
C ALA B 297 -1.18 -33.11 -1.59
N PRO B 298 -1.00 -34.41 -1.28
CA PRO B 298 -1.76 -35.47 -1.96
C PRO B 298 -3.18 -35.65 -1.42
N ILE B 299 -3.94 -34.57 -1.36
CA ILE B 299 -5.27 -34.59 -0.75
C ILE B 299 -6.38 -34.88 -1.75
N ILE B 300 -7.14 -35.93 -1.46
CA ILE B 300 -8.30 -36.27 -2.28
C ILE B 300 -9.54 -35.77 -1.55
N MET B 301 -10.44 -35.12 -2.28
CA MET B 301 -11.72 -34.71 -1.72
C MET B 301 -12.82 -35.70 -2.05
N SER B 302 -13.73 -35.87 -1.10
CA SER B 302 -14.88 -36.74 -1.30
C SER B 302 -16.03 -36.35 -0.39
N PHE B 303 -17.20 -36.87 -0.70
CA PHE B 303 -18.35 -36.76 0.18
C PHE B 303 -18.13 -37.79 1.29
N PRO B 304 -18.88 -37.67 2.40
CA PRO B 304 -18.67 -38.61 3.52
C PRO B 304 -18.82 -40.07 3.12
N HIS B 305 -17.91 -40.92 3.62
CA HIS B 305 -17.94 -42.36 3.38
C HIS B 305 -17.94 -42.74 1.90
N PHE B 306 -17.38 -41.86 1.07
CA PHE B 306 -17.29 -42.10 -0.38
C PHE B 306 -18.68 -42.27 -0.97
N TYR B 307 -19.64 -41.54 -0.43
CA TYR B 307 -21.00 -41.51 -0.97
C TYR B 307 -20.99 -40.86 -2.35
N GLN B 308 -21.98 -41.20 -3.17
CA GLN B 308 -22.05 -40.74 -4.56
C GLN B 308 -20.76 -41.04 -5.31
N ALA B 309 -20.29 -42.28 -5.20
CA ALA B 309 -18.98 -42.64 -5.75
C ALA B 309 -18.87 -44.12 -6.07
N ASP B 310 -17.87 -44.46 -6.89
CA ASP B 310 -17.62 -45.83 -7.30
C ASP B 310 -17.39 -46.72 -6.08
N GLU B 311 -17.87 -47.95 -6.17
CA GLU B 311 -17.86 -48.88 -5.04
C GLU B 311 -16.48 -49.43 -4.71
N ARG B 312 -15.50 -49.24 -5.60
CA ARG B 312 -14.17 -49.80 -5.37
C ARG B 312 -13.39 -48.99 -4.33
N PHE B 313 -13.82 -47.75 -4.10
CA PHE B 313 -13.24 -46.93 -3.05
C PHE B 313 -13.86 -47.36 -1.72
N VAL B 314 -15.16 -47.65 -1.76
CA VAL B 314 -15.90 -48.09 -0.59
C VAL B 314 -15.48 -49.49 -0.13
N SER B 315 -15.25 -50.37 -1.11
CA SER B 315 -14.85 -51.75 -0.84
C SER B 315 -13.43 -51.84 -0.26
N ALA B 316 -12.50 -51.12 -0.89
CA ALA B 316 -11.09 -51.15 -0.53
C ALA B 316 -10.85 -50.82 0.94
N ILE B 317 -11.60 -49.88 1.48
CA ILE B 317 -11.40 -49.48 2.86
C ILE B 317 -12.60 -49.84 3.75
N GLU B 318 -12.35 -50.80 4.64
CA GLU B 318 -13.35 -51.31 5.57
C GLU B 318 -13.74 -50.27 6.62
N GLY B 319 -15.04 -50.12 6.81
CA GLY B 319 -15.57 -49.13 7.73
C GLY B 319 -16.20 -47.99 6.97
N MET B 320 -16.17 -48.10 5.65
CA MET B 320 -16.88 -47.14 4.80
C MET B 320 -18.29 -47.65 4.54
N HIS B 321 -19.28 -46.92 5.04
CA HIS B 321 -20.67 -47.34 4.96
C HIS B 321 -21.54 -46.20 4.45
N PRO B 322 -21.46 -45.91 3.14
CA PRO B 322 -22.21 -44.79 2.58
C PRO B 322 -23.72 -45.00 2.62
N ASN B 323 -24.43 -44.01 3.12
CA ASN B 323 -25.88 -43.94 3.01
C ASN B 323 -26.26 -42.50 2.70
N GLN B 324 -27.38 -42.31 2.01
CA GLN B 324 -27.77 -40.99 1.56
C GLN B 324 -28.07 -40.01 2.69
N GLU B 325 -28.97 -40.39 3.61
CA GLU B 325 -29.52 -39.45 4.59
C GLU B 325 -28.47 -38.73 5.43
N ASP B 326 -27.45 -39.46 5.85
CA ASP B 326 -26.38 -38.86 6.64
C ASP B 326 -25.31 -38.15 5.80
N HIS B 327 -24.95 -38.73 4.66
CA HIS B 327 -23.79 -38.25 3.89
C HIS B 327 -24.09 -37.33 2.70
N GLU B 328 -25.36 -37.08 2.42
CA GLU B 328 -25.70 -36.14 1.36
C GLU B 328 -25.45 -34.71 1.81
N THR B 329 -25.37 -33.78 0.86
CA THR B 329 -25.34 -32.36 1.20
C THR B 329 -26.53 -31.64 0.59
N PHE B 330 -27.35 -31.02 1.43
CA PHE B 330 -28.59 -30.41 0.96
C PHE B 330 -28.80 -29.00 1.49
N VAL B 331 -29.62 -28.24 0.77
CA VAL B 331 -29.95 -26.86 1.11
C VAL B 331 -31.47 -26.62 1.04
N ASP B 332 -32.08 -26.26 2.17
CA ASP B 332 -33.49 -25.87 2.14
C ASP B 332 -33.62 -24.35 2.10
N ILE B 333 -34.05 -23.84 0.95
CA ILE B 333 -34.13 -22.40 0.74
C ILE B 333 -35.56 -22.02 0.42
N ASN B 334 -35.95 -20.80 0.73
CA ASN B 334 -37.32 -20.34 0.49
C ASN B 334 -37.40 -19.63 -0.87
N PRO B 335 -38.18 -20.19 -1.80
CA PRO B 335 -38.29 -19.73 -3.20
C PRO B 335 -38.43 -18.23 -3.35
N LEU B 336 -39.24 -17.61 -2.49
CA LEU B 336 -39.49 -16.19 -2.59
C LEU B 336 -38.34 -15.34 -2.06
N THR B 337 -38.10 -15.45 -0.76
CA THR B 337 -37.05 -14.65 -0.11
C THR B 337 -35.65 -15.12 -0.54
N GLY B 338 -35.45 -16.42 -0.63
CA GLY B 338 -34.13 -16.94 -0.95
C GLY B 338 -33.23 -17.05 0.26
N ILE B 339 -33.76 -16.66 1.41
CA ILE B 339 -33.04 -16.81 2.66
C ILE B 339 -32.93 -18.30 2.94
N ILE B 340 -31.84 -18.72 3.57
CA ILE B 340 -31.60 -20.13 3.82
C ILE B 340 -32.18 -20.53 5.18
N LEU B 341 -33.20 -21.38 5.15
CA LEU B 341 -33.90 -21.78 6.37
C LEU B 341 -33.21 -22.91 7.12
N LYS B 342 -32.79 -23.94 6.40
CA LYS B 342 -32.01 -25.02 7.02
C LYS B 342 -31.09 -25.65 5.99
N ALA B 343 -29.90 -26.05 6.42
CA ALA B 343 -28.98 -26.75 5.53
C ALA B 343 -27.94 -27.56 6.29
N ALA B 344 -27.35 -28.53 5.59
CA ALA B 344 -26.20 -29.27 6.08
C ALA B 344 -25.26 -29.54 4.90
N LYS B 345 -23.98 -29.20 5.08
CA LYS B 345 -23.00 -29.35 4.02
C LYS B 345 -21.88 -30.27 4.47
N ARG B 346 -21.60 -31.30 3.68
CA ARG B 346 -20.66 -32.33 4.12
C ARG B 346 -19.61 -32.72 3.08
N PHE B 347 -18.35 -32.55 3.47
CA PHE B 347 -17.20 -32.85 2.63
C PHE B 347 -16.34 -33.85 3.40
N GLN B 348 -15.47 -34.59 2.70
CA GLN B 348 -14.51 -35.45 3.38
C GLN B 348 -13.09 -35.25 2.83
N ILE B 349 -12.10 -35.26 3.73
CA ILE B 349 -10.69 -35.14 3.33
C ILE B 349 -10.04 -36.51 3.30
N ASN B 350 -9.50 -36.87 2.13
CA ASN B 350 -8.76 -38.10 2.01
C ASN B 350 -7.30 -37.86 1.63
N ILE B 351 -6.45 -38.82 1.96
CA ILE B 351 -5.06 -38.77 1.56
C ILE B 351 -4.75 -39.96 0.65
N TYR B 352 -4.12 -39.68 -0.47
CA TYR B 352 -3.78 -40.71 -1.42
C TYR B 352 -2.52 -41.40 -0.93
N VAL B 353 -2.57 -42.72 -0.85
CA VAL B 353 -1.47 -43.47 -0.25
C VAL B 353 -1.08 -44.61 -1.19
N LYS B 354 0.23 -44.81 -1.32
CA LYS B 354 0.77 -45.76 -2.27
C LYS B 354 2.12 -46.28 -1.81
N LYS B 355 2.46 -47.48 -2.26
CA LYS B 355 3.77 -48.04 -1.95
C LYS B 355 4.86 -47.37 -2.76
N LEU B 356 5.91 -46.93 -2.07
CA LEU B 356 7.09 -46.39 -2.73
C LEU B 356 8.33 -47.16 -2.28
N ASP B 357 9.10 -47.63 -3.25
CA ASP B 357 10.30 -48.39 -2.96
C ASP B 357 11.37 -47.49 -2.34
N ASP B 358 11.36 -46.22 -2.75
CA ASP B 358 12.33 -45.24 -2.29
C ASP B 358 12.18 -44.93 -0.80
N PHE B 359 11.00 -45.23 -0.26
CA PHE B 359 10.72 -44.90 1.13
C PHE B 359 10.12 -46.08 1.89
N VAL B 360 10.80 -46.48 2.96
CA VAL B 360 10.44 -47.65 3.74
C VAL B 360 9.33 -47.35 4.74
N GLU B 361 8.99 -46.07 4.89
CA GLU B 361 7.86 -45.65 5.71
C GLU B 361 6.54 -46.23 5.20
N THR B 362 6.45 -46.36 3.88
CA THR B 362 5.21 -46.76 3.23
C THR B 362 5.03 -48.28 3.16
N GLY B 363 6.10 -49.02 3.42
CA GLY B 363 6.07 -50.47 3.34
C GLY B 363 5.48 -51.00 2.04
N ASP B 364 4.64 -52.02 2.17
CA ASP B 364 3.91 -52.62 1.05
C ASP B 364 2.50 -52.06 0.88
N ILE B 365 2.21 -50.94 1.52
CA ILE B 365 0.84 -50.40 1.63
C ILE B 365 0.11 -50.38 0.28
N ARG B 366 -1.19 -50.65 0.35
CA ARG B 366 -2.02 -50.69 -0.84
C ARG B 366 -2.14 -49.31 -1.45
N THR B 367 -2.37 -49.26 -2.75
CA THR B 367 -2.63 -48.00 -3.38
C THR B 367 -4.10 -47.71 -3.20
N MET B 368 -4.41 -46.68 -2.42
CA MET B 368 -5.80 -46.38 -2.10
C MET B 368 -6.01 -44.96 -1.65
N VAL B 369 -7.28 -44.54 -1.66
CA VAL B 369 -7.68 -43.23 -1.17
C VAL B 369 -8.14 -43.34 0.27
N PHE B 370 -7.37 -42.75 1.19
CA PHE B 370 -7.50 -43.01 2.62
C PHE B 370 -8.24 -41.90 3.36
N PRO B 371 -9.38 -42.23 3.99
CA PRO B 371 -10.18 -41.27 4.76
C PRO B 371 -9.47 -40.78 6.01
N VAL B 372 -9.51 -39.47 6.23
CA VAL B 372 -9.01 -38.86 7.44
C VAL B 372 -10.23 -38.37 8.20
N MET B 373 -10.99 -37.49 7.56
CA MET B 373 -12.10 -36.82 8.20
C MET B 373 -13.21 -36.41 7.23
N TYR B 374 -14.44 -36.37 7.74
CA TYR B 374 -15.48 -35.64 7.04
C TYR B 374 -16.17 -34.74 8.06
N LEU B 375 -17.09 -33.89 7.61
CA LEU B 375 -17.65 -32.86 8.48
C LEU B 375 -19.08 -32.49 8.11
N ASN B 376 -19.89 -32.13 9.10
CA ASN B 376 -21.22 -31.61 8.82
C ASN B 376 -21.29 -30.13 9.19
N GLU B 377 -21.43 -29.31 8.16
CA GLU B 377 -21.62 -27.87 8.30
C GLU B 377 -23.12 -27.61 8.31
N SER B 378 -23.67 -27.23 9.46
CA SER B 378 -25.11 -27.27 9.65
C SER B 378 -25.72 -25.96 10.12
N VAL B 379 -26.97 -25.72 9.72
CA VAL B 379 -27.71 -24.55 10.18
C VAL B 379 -29.19 -24.88 10.32
N HIS B 380 -29.80 -24.38 11.39
CA HIS B 380 -31.22 -24.54 11.62
C HIS B 380 -31.79 -23.19 12.02
N ILE B 381 -32.95 -22.85 11.49
CA ILE B 381 -33.56 -21.56 11.79
C ILE B 381 -34.41 -21.65 13.05
N ASP B 382 -34.08 -20.83 14.04
CA ASP B 382 -34.89 -20.71 15.25
C ASP B 382 -36.33 -20.32 14.88
N LYS B 383 -37.27 -20.65 15.74
CA LYS B 383 -38.68 -20.64 15.35
C LYS B 383 -39.39 -19.28 15.36
N GLU B 384 -38.80 -18.26 15.97
CA GLU B 384 -39.26 -16.87 15.74
C GLU B 384 -38.47 -15.92 14.81
N THR B 385 -37.22 -16.20 14.41
CA THR B 385 -36.66 -15.41 13.31
C THR B 385 -37.26 -15.94 12.02
N ALA B 386 -37.69 -17.20 12.07
CA ALA B 386 -38.50 -17.80 11.02
C ALA B 386 -39.77 -16.97 10.97
N SER B 387 -40.33 -16.73 12.16
CA SER B 387 -41.55 -15.95 12.30
C SER B 387 -41.26 -14.48 12.04
N ARG B 388 -40.06 -14.03 12.42
CA ARG B 388 -39.65 -12.66 12.12
C ARG B 388 -39.62 -12.48 10.61
N LEU B 389 -39.10 -13.49 9.92
CA LEU B 389 -39.13 -13.51 8.46
C LEU B 389 -40.53 -13.75 7.90
N LYS B 390 -41.31 -14.61 8.58
CA LYS B 390 -42.66 -14.93 8.12
C LYS B 390 -43.69 -13.86 8.48
N SER B 391 -43.31 -12.96 9.37
CA SER B 391 -44.12 -11.77 9.63
C SER B 391 -43.84 -10.68 8.59
N MET B 392 -42.58 -10.59 8.18
CA MET B 392 -42.15 -9.58 7.23
C MET B 392 -42.08 -10.20 5.83
N ILE B 393 -42.56 -11.44 5.74
CA ILE B 393 -42.73 -12.14 4.48
C ILE B 393 -43.62 -11.36 3.51
N ASN B 394 -44.55 -10.58 4.04
CA ASN B 394 -45.49 -9.82 3.21
C ASN B 394 -45.40 -8.31 3.45
C1 NAG C . 24.71 43.79 -16.99
C2 NAG C . 24.51 43.50 -18.46
C3 NAG C . 25.86 43.20 -19.11
C4 NAG C . 26.84 44.33 -18.83
C5 NAG C . 26.87 44.72 -17.35
C6 NAG C . 27.64 46.00 -17.10
C7 NAG C . 22.41 42.56 -19.31
C8 NAG C . 21.57 41.33 -19.45
N2 NAG C . 23.58 42.41 -18.68
O3 NAG C . 25.68 43.03 -20.51
O4 NAG C . 28.15 43.89 -19.19
O5 NAG C . 25.54 44.92 -16.84
O6 NAG C . 26.99 47.11 -17.70
O7 NAG C . 22.05 43.64 -19.75
C1 NAG C . 28.57 44.58 -20.37
C2 NAG C . 30.07 44.30 -20.51
C3 NAG C . 30.61 44.90 -21.81
C4 NAG C . 29.72 44.58 -23.00
C5 NAG C . 28.27 44.84 -22.68
C6 NAG C . 27.32 44.41 -23.78
C7 NAG C . 31.20 44.09 -18.34
C8 NAG C . 31.92 44.82 -17.24
N2 NAG C . 30.78 44.84 -19.36
O3 NAG C . 31.92 44.37 -22.02
O4 NAG C . 30.10 45.42 -24.09
O5 NAG C . 27.89 44.11 -21.50
O6 NAG C . 25.97 44.63 -23.41
O7 NAG C . 31.01 42.88 -18.30
C1 BMA C . 30.65 44.66 -25.17
C2 BMA C . 30.58 45.54 -26.40
C3 BMA C . 31.15 44.80 -27.60
C4 BMA C . 32.53 44.18 -27.30
C5 BMA C . 32.53 43.40 -25.96
C6 BMA C . 33.94 43.04 -25.53
O2 BMA C . 31.36 46.70 -26.23
O3 BMA C . 31.31 45.68 -28.69
O4 BMA C . 32.91 43.32 -28.36
O5 BMA C . 31.96 44.23 -24.92
O6 BMA C . 34.71 44.25 -25.50
C1 MAN C . 30.24 45.51 -29.63
C2 MAN C . 30.67 46.20 -30.91
C3 MAN C . 29.93 47.52 -31.00
C4 MAN C . 28.43 47.25 -31.15
C5 MAN C . 27.93 46.31 -30.03
C6 MAN C . 27.31 45.01 -30.54
O2 MAN C . 30.27 45.45 -32.07
O3 MAN C . 30.42 48.34 -32.06
O4 MAN C . 27.72 48.49 -31.08
O5 MAN C . 29.00 45.97 -29.10
O6 MAN C . 27.24 44.08 -29.45
C1 NAG D . 20.69 19.31 -16.92
C2 NAG D . 21.05 20.08 -18.17
C3 NAG D . 20.05 19.79 -19.28
C4 NAG D . 19.90 18.28 -19.48
C5 NAG D . 19.67 17.55 -18.15
C6 NAG D . 19.75 16.05 -18.29
C7 NAG D . 22.24 22.13 -17.51
C8 NAG D . 22.13 23.61 -17.30
N2 NAG D . 21.12 21.51 -17.91
O3 NAG D . 20.47 20.41 -20.48
O4 NAG D . 18.76 18.04 -20.32
O5 NAG D . 20.67 17.93 -17.20
O6 NAG D . 20.76 15.66 -19.21
O7 NAG D . 23.29 21.52 -17.32
C1 NAG D . 19.17 17.52 -21.59
C2 NAG D . 17.90 17.18 -22.38
C3 NAG D . 17.81 18.04 -23.64
C4 NAG D . 19.04 17.85 -24.50
C5 NAG D . 20.31 18.02 -23.66
C6 NAG D . 21.25 19.06 -24.22
C7 NAG D . 16.74 15.03 -22.64
C8 NAG D . 16.87 13.59 -23.02
N2 NAG D . 17.86 15.76 -22.71
O3 NAG D . 17.69 19.41 -23.26
O4 NAG D . 19.04 16.54 -25.07
O5 NAG D . 19.95 18.46 -22.34
O6 NAG D . 22.59 18.82 -23.83
O7 NAG D . 15.67 15.51 -22.27
C1 NAG E . 5.55 22.95 13.52
C2 NAG E . 5.80 24.44 13.77
C3 NAG E . 5.54 24.79 15.22
C4 NAG E . 4.14 24.32 15.65
C5 NAG E . 3.99 22.84 15.33
C6 NAG E . 2.59 22.32 15.60
C7 NAG E . 7.52 25.07 12.12
C8 NAG E . 8.96 25.45 11.92
N2 NAG E . 7.15 24.81 13.38
O3 NAG E . 5.64 26.21 15.40
O4 NAG E . 3.98 24.53 17.04
O5 NAG E . 4.25 22.61 13.94
O6 NAG E . 2.06 21.65 14.46
O7 NAG E . 6.73 25.01 11.19
C1 NAG E . 2.86 25.39 17.32
C2 NAG E . 2.42 25.09 18.75
C3 NAG E . 1.29 26.04 19.17
C4 NAG E . 1.68 27.48 18.93
C5 NAG E . 2.10 27.67 17.48
C6 NAG E . 2.57 29.07 17.16
C7 NAG E . 2.78 22.75 19.38
C8 NAG E . 2.18 21.38 19.43
N2 NAG E . 2.00 23.71 18.88
O3 NAG E . 1.01 25.84 20.56
O4 NAG E . 0.57 28.34 19.20
O5 NAG E . 3.19 26.78 17.19
O6 NAG E . 1.48 29.92 16.81
O7 NAG E . 3.93 22.97 19.76
C1 NAG F . 23.87 34.23 10.06
C2 NAG F . 24.55 35.34 10.86
C3 NAG F . 25.98 34.93 11.25
C4 NAG F . 26.01 33.55 11.87
C5 NAG F . 25.30 32.56 10.96
C6 NAG F . 25.21 31.17 11.54
C7 NAG F . 23.88 37.68 10.47
C8 NAG F . 24.02 38.87 9.57
N2 NAG F . 24.57 36.59 10.11
O3 NAG F . 26.49 35.90 12.17
O4 NAG F . 27.35 33.10 12.03
O5 NAG F . 23.95 33.01 10.75
O6 NAG F . 24.13 30.44 10.98
O7 NAG F . 23.18 37.70 11.48
C1 NAG F . 27.80 33.35 13.36
C2 NAG F . 28.91 32.38 13.74
C3 NAG F . 29.45 32.71 15.14
C4 NAG F . 29.79 34.19 15.27
C5 NAG F . 28.63 35.06 14.81
C6 NAG F . 28.97 36.53 14.77
C7 NAG F . 28.38 30.29 12.57
C8 NAG F . 27.89 28.89 12.71
N2 NAG F . 28.45 31.00 13.69
O3 NAG F . 30.60 31.92 15.40
O4 NAG F . 30.08 34.49 16.63
O5 NAG F . 28.27 34.68 13.47
O6 NAG F . 29.25 37.05 16.06
O7 NAG F . 28.72 30.76 11.48
C1 BMA F . 31.48 34.75 16.72
C2 BMA F . 31.73 35.53 18.00
C3 BMA F . 33.23 35.73 18.20
C4 BMA F . 34.06 34.44 17.93
C5 BMA F . 33.63 33.80 16.59
C6 BMA F . 34.31 32.47 16.31
O2 BMA F . 31.27 34.80 19.13
O3 BMA F . 33.43 36.18 19.52
O4 BMA F . 35.45 34.73 17.89
O5 BMA F . 32.23 33.56 16.66
O6 BMA F . 34.19 31.65 17.48
C1 MAN F . 35.01 30.48 17.30
C2 MAN F . 34.74 29.50 18.44
C3 MAN F . 35.24 30.10 19.75
C4 MAN F . 36.72 30.56 19.63
C5 MAN F . 36.89 31.47 18.38
C6 MAN F . 38.32 31.82 18.07
O2 MAN F . 35.50 28.30 18.26
O3 MAN F . 35.07 29.20 20.83
O4 MAN F . 37.10 31.26 20.81
O5 MAN F . 36.37 30.81 17.23
O6 MAN F . 38.95 30.69 17.45
C1 MAN F . 33.73 29.26 21.34
C2 MAN F . 33.77 28.95 22.84
C3 MAN F . 34.13 27.49 23.04
C4 MAN F . 33.17 26.59 22.25
C5 MAN F . 33.14 27.01 20.76
C6 MAN F . 32.10 26.26 19.95
O2 MAN F . 32.46 29.08 23.41
O3 MAN F . 34.13 27.13 24.43
O4 MAN F . 33.57 25.24 22.35
O5 MAN F . 32.84 28.43 20.66
O6 MAN F . 32.39 24.87 20.05
C1 MAN F . 32.25 30.41 23.95
C2 MAN F . 31.06 31.07 23.24
C3 MAN F . 30.94 32.51 23.72
C4 MAN F . 32.25 33.32 23.45
C5 MAN F . 33.45 32.40 23.17
C6 MAN F . 34.80 33.09 23.41
O2 MAN F . 29.82 30.45 23.57
O3 MAN F . 30.60 32.58 25.09
O4 MAN F . 32.05 34.20 22.34
O5 MAN F . 33.42 31.22 24.03
O6 MAN F . 35.10 33.93 22.28
C1 MAN F . 40.21 30.61 18.12
C2 MAN F . 41.17 29.43 17.71
C3 MAN F . 41.36 28.44 18.89
C4 MAN F . 42.14 29.15 19.99
C5 MAN F . 41.28 30.35 20.31
C6 MAN F . 41.95 31.72 20.06
O2 MAN F . 42.50 29.94 17.45
O3 MAN F . 41.95 27.18 18.51
O4 MAN F . 42.26 28.32 21.11
O5 MAN F . 40.11 30.20 19.44
O6 MAN F . 40.95 32.77 20.16
C1 MAN F . 43.14 29.18 16.40
C2 MAN F . 44.35 28.35 16.94
C3 MAN F . 45.62 29.19 17.02
C4 MAN F . 45.84 29.94 15.70
C5 MAN F . 44.59 30.80 15.41
C6 MAN F . 44.70 31.61 14.12
O2 MAN F . 44.66 27.24 16.08
O3 MAN F . 46.77 28.41 17.32
O4 MAN F . 46.98 30.78 15.80
O5 MAN F . 43.45 29.94 15.27
O6 MAN F . 43.63 32.54 14.10
C1 MAN F . 34.34 37.28 19.48
C2 MAN F . 35.38 36.99 20.55
C3 MAN F . 34.81 37.24 21.95
C4 MAN F . 34.05 38.59 22.02
C5 MAN F . 33.04 38.69 20.87
C6 MAN F . 32.34 40.04 20.81
O2 MAN F . 36.49 37.83 20.41
O3 MAN F . 35.83 37.20 22.94
O4 MAN F . 33.36 38.67 23.26
O5 MAN F . 33.72 38.52 19.62
O6 MAN F . 31.47 40.10 21.93
C1 NAG G . 6.46 33.83 -12.62
C2 NAG G . 5.22 34.15 -13.44
C3 NAG G . 5.53 35.25 -14.44
C4 NAG G . 6.02 36.49 -13.72
C5 NAG G . 7.19 36.16 -12.79
C6 NAG G . 7.52 37.30 -11.86
C7 NAG G . 5.17 32.33 -15.14
C8 NAG G . 4.40 31.13 -15.62
N2 NAG G . 4.66 32.97 -14.08
O3 NAG G . 4.36 35.55 -15.20
O4 NAG G . 6.43 37.47 -14.66
O5 NAG G . 6.90 35.03 -11.95
O6 NAG G . 6.54 37.43 -10.82
O7 NAG G . 6.21 32.69 -15.68
C1 NAG G . 5.48 38.56 -14.61
C2 NAG G . 6.05 39.81 -15.28
C3 NAG G . 5.03 40.95 -15.22
C4 NAG G . 3.66 40.50 -15.69
C5 NAG G . 3.25 39.20 -15.00
C6 NAG G . 1.95 38.63 -15.53
C7 NAG G . 8.50 39.73 -15.01
C8 NAG G . 9.67 40.26 -14.25
N2 NAG G . 7.30 40.21 -14.65
O3 NAG G . 5.50 42.02 -16.03
O4 NAG G . 2.69 41.49 -15.36
O5 NAG G . 4.26 38.21 -15.22
O6 NAG G . 1.70 37.34 -15.00
O7 NAG G . 8.62 38.92 -15.92
C1 BMA G . 2.40 42.34 -16.48
C2 BMA G . 1.05 42.99 -16.23
C3 BMA G . 0.69 43.86 -17.43
C4 BMA G . 1.81 44.85 -17.76
C5 BMA G . 3.19 44.15 -17.86
C6 BMA G . 4.32 45.15 -17.91
O2 BMA G . 1.13 43.85 -15.11
O3 BMA G . -0.50 44.61 -17.17
O4 BMA G . 1.53 45.53 -18.98
O5 BMA G . 3.40 43.31 -16.70
O6 BMA G . 3.98 46.23 -17.05
C1 MAN G . -1.67 43.87 -17.56
C2 MAN G . -2.73 44.90 -17.91
C3 MAN G . -2.95 45.76 -16.67
C4 MAN G . -3.36 44.88 -15.47
C5 MAN G . -2.33 43.74 -15.27
C6 MAN G . -2.75 42.71 -14.23
O2 MAN G . -3.98 44.28 -18.18
O3 MAN G . -3.93 46.77 -16.90
O4 MAN G . -3.44 45.66 -14.29
O5 MAN G . -2.11 43.05 -16.53
O6 MAN G . -2.80 43.37 -12.96
C1 MAN G . 4.86 47.33 -17.32
C2 MAN G . 5.66 47.69 -16.05
C3 MAN G . 4.80 48.50 -15.08
C4 MAN G . 4.09 49.66 -15.79
C5 MAN G . 3.31 49.15 -17.02
C6 MAN G . 2.67 50.27 -17.83
O2 MAN G . 6.79 48.50 -16.35
O3 MAN G . 5.57 49.00 -13.99
O4 MAN G . 3.18 50.31 -14.91
O5 MAN G . 4.21 48.44 -17.89
O6 MAN G . 2.38 49.76 -19.12
C1 NAG H . -8.05 -44.24 18.52
C2 NAG H . -8.57 -43.97 19.91
C3 NAG H . -7.40 -43.75 20.87
C4 NAG H . -6.41 -44.90 20.79
C5 NAG H . -6.05 -45.23 19.33
C6 NAG H . -5.26 -46.52 19.20
C7 NAG H . -10.75 -42.90 20.28
C8 NAG H . -11.53 -41.63 20.23
N2 NAG H . -9.47 -42.82 19.92
O3 NAG H . -7.91 -43.64 22.20
O4 NAG H . -5.22 -44.53 21.46
O5 NAG H . -7.24 -45.40 18.54
O6 NAG H . -6.12 -47.65 19.08
O7 NAG H . -11.27 -43.97 20.63
C1 NAG H . -4.99 -45.38 22.59
C2 NAG H . -3.53 -45.22 22.98
C3 NAG H . -3.21 -46.05 24.22
C4 NAG H . -4.21 -45.76 25.34
C5 NAG H . -5.64 -45.89 24.82
C6 NAG H . -6.68 -45.52 25.84
C7 NAG H . -1.93 -44.73 21.19
C8 NAG H . -1.09 -45.30 20.08
N2 NAG H . -2.65 -45.60 21.88
O3 NAG H . -1.88 -45.75 24.66
O4 NAG H . -4.00 -46.68 26.41
O5 NAG H . -5.82 -45.03 23.69
O6 NAG H . -7.96 -45.32 25.23
O7 NAG H . -1.94 -43.53 21.43
C1 BMA H . -3.74 -45.95 27.63
C2 BMA H . -4.14 -46.79 28.81
C3 BMA H . -4.01 -45.96 30.08
C4 BMA H . -2.68 -45.19 30.17
C5 BMA H . -2.26 -44.54 28.82
C6 BMA H . -0.80 -44.10 28.82
O2 BMA H . -3.26 -47.89 28.95
O3 BMA H . -4.14 -46.79 31.23
O4 BMA H . -2.78 -44.18 31.18
O5 BMA H . -2.43 -45.48 27.75
O6 BMA H . 0.00 -45.27 28.93
C1 NAG I . -11.25 -19.83 18.01
C2 NAG I . -11.10 -20.61 19.30
C3 NAG I . -12.30 -20.34 20.21
C4 NAG I . -12.53 -18.85 20.38
C5 NAG I . -12.57 -18.15 19.02
C6 NAG I . -12.66 -16.64 19.13
C7 NAG I . -9.78 -22.65 18.94
C8 NAG I . -9.84 -24.13 18.66
N2 NAG I . -10.97 -22.03 19.04
O3 NAG I . -12.06 -20.94 21.48
O4 NAG I . -13.80 -18.65 21.03
O5 NAG I . -11.37 -18.45 18.29
O6 NAG I . -12.00 -16.14 20.28
O7 NAG I . -8.72 -22.05 19.07
C1 NAG I . -13.60 -18.03 22.31
C2 NAG I . -14.97 -17.61 22.85
C3 NAG I . -15.33 -18.42 24.09
C4 NAG I . -14.29 -18.24 25.17
C5 NAG I . -12.89 -18.29 24.58
C6 NAG I . -11.94 -19.15 25.39
C7 NAG I . -16.03 -15.40 22.79
C8 NAG I . -15.91 -13.95 23.16
N2 NAG I . -15.01 -16.18 23.13
O3 NAG I . -15.44 -19.79 23.74
O4 NAG I . -14.47 -16.98 25.81
O5 NAG I . -12.94 -18.88 23.27
O6 NAG I . -11.08 -18.35 26.20
O7 NAG I . -17.02 -15.83 22.20
C1 NAG J . -19.82 -22.57 -14.89
C2 NAG J . -19.49 -24.03 -15.20
C3 NAG J . -19.46 -24.26 -16.71
C4 NAG J . -20.73 -23.73 -17.37
C5 NAG J . -20.99 -22.29 -16.95
C6 NAG J . -22.30 -21.73 -17.46
C7 NAG J . -18.06 -24.76 -13.33
C8 NAG J . -16.68 -25.14 -12.90
N2 NAG J . -18.21 -24.41 -14.61
O3 NAG J . -19.34 -25.65 -16.96
O4 NAG J . -20.57 -23.76 -18.78
O5 NAG J . -21.03 -22.21 -15.52
O6 NAG J . -23.29 -22.74 -17.55
O7 NAG J . -19.01 -24.78 -12.54
C1 NAG J . -21.58 -24.60 -19.38
C2 NAG J . -21.55 -24.38 -20.90
C3 NAG J . -22.62 -25.24 -21.58
C4 NAG J . -22.50 -26.69 -21.14
C5 NAG J . -22.50 -26.78 -19.62
C6 NAG J . -22.30 -28.19 -19.11
C7 NAG J . -20.74 -22.12 -21.42
C8 NAG J . -21.14 -20.70 -21.74
N2 NAG J . -21.75 -22.97 -21.21
O3 NAG J . -22.43 -25.15 -22.99
O4 NAG J . -23.61 -27.43 -21.65
O5 NAG J . -21.43 -25.98 -19.10
O6 NAG J . -23.12 -29.12 -19.79
O7 NAG J . -19.57 -22.47 -21.36
C1 NAG K . -2.98 -34.69 -7.88
C2 NAG K . -2.24 -35.75 -8.70
C3 NAG K . -0.74 -35.45 -8.75
C4 NAG K . -0.48 -34.01 -9.15
C5 NAG K . -1.28 -33.07 -8.25
C6 NAG K . -1.14 -31.61 -8.63
C7 NAG K . -3.07 -38.06 -8.83
C8 NAG K . -3.22 -39.36 -8.11
N2 NAG K . -2.47 -37.07 -8.15
O3 NAG K . -0.14 -36.34 -9.68
O4 NAG K . 0.90 -33.68 -9.01
O5 NAG K . -2.66 -33.40 -8.35
O6 NAG K . -2.41 -31.00 -8.83
O7 NAG K . -3.47 -37.91 -9.99
C1 NAG K . 1.62 -33.94 -10.23
C2 NAG K . 2.75 -32.94 -10.41
C3 NAG K . 3.53 -33.28 -11.67
C4 NAG K . 4.00 -34.73 -11.64
C5 NAG K . 2.82 -35.66 -11.39
C6 NAG K . 3.24 -37.10 -11.21
C7 NAG K . 2.10 -30.82 -9.37
C8 NAG K . 1.59 -29.43 -9.61
N2 NAG K . 2.26 -31.58 -10.46
O3 NAG K . 4.67 -32.41 -11.77
O4 NAG K . 4.60 -35.07 -12.89
O5 NAG K . 2.13 -35.27 -10.20
O6 NAG K . 3.64 -37.71 -12.42
O7 NAG K . 2.36 -31.24 -8.24
C1 BMA K . 5.99 -35.30 -12.66
C2 BMA K . 6.54 -36.04 -13.86
C3 BMA K . 8.05 -36.21 -13.76
C4 BMA K . 8.78 -34.95 -13.27
C5 BMA K . 8.07 -34.34 -12.04
C6 BMA K . 8.66 -33.02 -11.64
O2 BMA K . 6.27 -35.32 -15.07
O3 BMA K . 8.55 -36.54 -15.02
O4 BMA K . 10.13 -35.27 -12.93
O5 BMA K . 6.70 -34.12 -12.40
O6 BMA K . 8.82 -32.26 -12.82
C1 MAN K . 9.57 -31.06 -12.53
C2 MAN K . 9.44 -30.12 -13.73
C3 MAN K . 10.20 -30.67 -14.95
C4 MAN K . 11.61 -31.20 -14.57
C5 MAN K . 11.55 -32.07 -13.31
C6 MAN K . 12.90 -32.49 -12.78
O2 MAN K . 10.03 -28.84 -13.45
O3 MAN K . 10.31 -29.71 -15.99
O4 MAN K . 12.13 -31.97 -15.65
O5 MAN K . 10.89 -31.35 -12.26
O6 MAN K . 13.46 -31.40 -12.08
C1 MAN K . 9.18 -29.83 -16.88
C2 MAN K . 9.64 -29.53 -18.31
C3 MAN K . 10.02 -28.05 -18.44
C4 MAN K . 8.93 -27.13 -17.85
C5 MAN K . 8.46 -27.60 -16.45
C6 MAN K . 7.24 -26.85 -15.95
O2 MAN K . 8.58 -29.69 -19.23
O3 MAN K . 10.28 -27.71 -19.79
O4 MAN K . 9.45 -25.80 -17.74
O5 MAN K . 8.14 -29.00 -16.49
O6 MAN K . 7.38 -25.49 -16.34
C1 MAN K . 8.48 -31.03 -19.77
C2 MAN K . 7.11 -31.62 -19.38
C3 MAN K . 7.13 -33.10 -19.68
C4 MAN K . 8.15 -33.84 -18.80
C5 MAN K . 9.46 -33.01 -18.59
C6 MAN K . 10.71 -33.89 -18.69
O2 MAN K . 6.04 -31.07 -20.16
O3 MAN K . 7.40 -33.35 -21.06
O4 MAN K . 7.58 -34.13 -17.53
O5 MAN K . 9.59 -31.91 -19.56
O6 MAN K . 10.79 -34.70 -17.52
C1 MAN K . 14.82 -31.31 -12.54
C2 MAN K . 15.64 -30.10 -11.96
C3 MAN K . 16.09 -29.11 -13.05
C4 MAN K . 17.10 -29.85 -13.91
C5 MAN K . 16.30 -31.00 -14.48
C6 MAN K . 16.90 -32.39 -14.21
O2 MAN K . 16.86 -30.58 -11.35
O3 MAN K . 16.58 -27.86 -12.57
O4 MAN K . 17.58 -29.02 -14.96
O5 MAN K . 14.98 -30.89 -13.86
O6 MAN K . 16.18 -33.35 -15.00
C1 MAN K . 17.14 -29.83 -10.14
C2 MAN K . 18.39 -28.89 -10.33
C3 MAN K . 19.70 -29.62 -10.06
C4 MAN K . 19.61 -30.42 -8.76
C5 MAN K . 18.43 -31.40 -8.88
C6 MAN K . 18.31 -32.33 -7.67
O2 MAN K . 18.35 -27.78 -9.42
O3 MAN K . 20.80 -28.71 -10.01
O4 MAN K . 20.82 -31.13 -8.53
O5 MAN K . 17.21 -30.64 -8.99
O6 MAN K . 17.68 -33.53 -8.13
C1 MAN K . 8.75 -37.96 -15.08
C2 MAN K . 9.78 -38.19 -16.16
C3 MAN K . 9.15 -37.88 -17.53
C4 MAN K . 7.83 -38.65 -17.71
C5 MAN K . 6.89 -38.33 -16.53
C6 MAN K . 5.59 -39.11 -16.58
O2 MAN K . 10.13 -39.55 -16.21
O3 MAN K . 10.05 -38.19 -18.60
O4 MAN K . 7.21 -38.24 -18.93
O5 MAN K . 7.56 -38.66 -15.30
O6 MAN K . 4.56 -38.19 -16.94
C1 MAN K . 11.57 -39.63 -16.17
C2 MAN K . 11.95 -40.84 -16.99
C3 MAN K . 11.47 -42.08 -16.27
C4 MAN K . 12.01 -42.11 -14.82
C5 MAN K . 11.61 -40.83 -14.09
C6 MAN K . 12.24 -40.72 -12.71
O2 MAN K . 13.36 -40.96 -17.06
O3 MAN K . 11.81 -43.28 -16.96
O4 MAN K . 11.49 -43.24 -14.14
O5 MAN K . 12.05 -39.68 -14.85
O6 MAN K . 13.63 -40.51 -12.87
C1 NAG L . -24.70 -33.67 10.72
C2 NAG L . -26.06 -33.92 11.35
C3 NAG L . -25.98 -35.12 12.29
C4 NAG L . -25.47 -36.34 11.54
C5 NAG L . -24.17 -36.03 10.79
C6 NAG L . -23.78 -37.15 9.83
C7 NAG L . -26.29 -32.32 13.26
C8 NAG L . -26.98 -31.07 13.70
N2 NAG L . -26.59 -32.74 12.01
O3 NAG L . -27.27 -35.38 12.83
O4 NAG L . -25.21 -37.38 12.47
O5 NAG L . -24.29 -34.84 9.99
O6 NAG L . -24.17 -36.85 8.49
O7 NAG L . -25.49 -32.91 13.98
C1 NAG L . -26.20 -38.41 12.27
C2 NAG L . -25.81 -39.68 13.00
C3 NAG L . -26.82 -40.79 12.71
C4 NAG L . -28.25 -40.29 12.95
C5 NAG L . -28.49 -38.94 12.28
C6 NAG L . -29.82 -38.33 12.67
C7 NAG L . -23.35 -39.54 13.11
C8 NAG L . -22.06 -40.11 12.60
N2 NAG L . -24.47 -40.11 12.63
O3 NAG L . -26.55 -41.90 13.55
O4 NAG L . -29.16 -41.22 12.37
O5 NAG L . -27.48 -38.00 12.67
O6 NAG L . -29.73 -36.92 12.84
O7 NAG L . -23.39 -38.61 13.91
C1 BMA L . -29.76 -42.03 13.38
C2 BMA L . -31.06 -42.57 12.85
C3 BMA L . -31.73 -43.42 13.92
C4 BMA L . -30.78 -44.45 14.54
C5 BMA L . -29.41 -43.83 14.92
C6 BMA L . -28.39 -44.89 15.25
O2 BMA L . -30.84 -43.42 11.73
O3 BMA L . -32.82 -44.13 13.36
O4 BMA L . -31.37 -45.02 15.71
O5 BMA L . -28.91 -43.07 13.80
O6 BMA L . -28.41 -45.85 14.18
C1 MAN L . -34.05 -43.46 13.67
C2 MAN L . -35.10 -44.56 13.81
C3 MAN L . -35.25 -45.27 12.46
C4 MAN L . -35.51 -44.24 11.34
C5 MAN L . -34.41 -43.16 11.35
C6 MAN L . -34.62 -42.07 10.33
O2 MAN L . -36.39 -44.03 14.12
O3 MAN L . -36.27 -46.27 12.48
O4 MAN L . -35.54 -44.88 10.06
O5 MAN L . -34.37 -42.56 12.66
O6 MAN L . -33.76 -42.32 9.23
C1 NAG M . 5.05 -1.78 -8.85
C2 NAG M . 6.50 -2.07 -8.46
C3 NAG M . 7.24 -2.69 -9.65
C4 NAG M . 6.62 -4.03 -10.01
C5 NAG M . 5.11 -3.93 -10.10
C6 NAG M . 4.37 -4.69 -9.01
C7 NAG M . 7.46 -0.63 -6.73
C8 NAG M . 8.16 0.66 -6.44
N2 NAG M . 7.18 -0.87 -8.02
O3 NAG M . 8.61 -2.84 -9.33
O4 NAG M . 7.12 -4.48 -11.27
O5 NAG M . 4.68 -2.56 -10.04
O6 NAG M . 4.98 -5.94 -8.75
O7 NAG M . 7.16 -1.42 -5.83
C1 NAG N . -1.12 9.83 11.43
C2 NAG N . -0.36 10.71 12.42
C3 NAG N . -1.03 10.65 13.78
C4 NAG N . -2.42 11.26 13.69
C5 NAG N . -3.21 10.60 12.56
C6 NAG N . -3.61 11.55 11.45
C7 NAG N . 2.07 11.14 12.48
C8 NAG N . 3.42 10.52 12.58
N2 NAG N . 1.03 10.29 12.51
O3 NAG N . -0.24 11.35 14.73
O4 NAG N . -3.11 11.07 14.92
O5 NAG N . -2.48 9.52 11.95
O6 NAG N . -3.16 12.87 11.72
O7 NAG N . 1.90 12.35 12.37
C1 NAG O . 12.76 42.55 16.33
C2 NAG O . 13.33 43.95 16.31
C3 NAG O . 13.80 44.32 17.72
C4 NAG O . 12.64 44.17 18.71
C5 NAG O . 12.00 42.80 18.59
C6 NAG O . 10.70 42.70 19.37
C7 NAG O . 14.21 44.55 14.11
C8 NAG O . 15.43 44.64 13.25
N2 NAG O . 14.41 44.09 15.36
O3 NAG O . 14.27 45.67 17.71
O4 NAG O . 13.12 44.36 20.04
O5 NAG O . 11.67 42.48 17.23
O6 NAG O . 9.59 42.99 18.54
O7 NAG O . 13.10 44.88 13.71
C1 NAG P . -23.07 1.46 7.11
C2 NAG P . -21.63 1.96 7.23
C3 NAG P . -21.41 2.61 8.60
C4 NAG P . -22.33 3.80 8.76
C5 NAG P . -23.78 3.40 8.49
C6 NAG P . -24.40 4.15 7.33
C7 NAG P . -20.33 0.45 5.79
C8 NAG P . -19.33 -0.67 5.76
N2 NAG P . -20.68 0.88 7.02
O3 NAG P . -20.05 2.99 8.74
O4 NAG P . -22.22 4.32 10.09
O5 NAG P . -23.88 2.00 8.23
O6 NAG P . -24.24 5.56 7.45
O7 NAG P . -20.80 0.93 4.77
C1 NAG Q . -25.89 -9.80 -13.60
C2 NAG Q . -24.97 -9.86 -14.82
C3 NAG Q . -25.55 -9.05 -15.97
C4 NAG Q . -26.98 -9.50 -16.24
C5 NAG Q . -27.84 -9.21 -15.02
C6 NAG Q . -28.77 -10.35 -14.65
C7 NAG Q . -22.56 -10.24 -14.58
C8 NAG Q . -21.24 -9.65 -14.22
N2 NAG Q . -23.62 -9.42 -14.50
O3 NAG Q . -24.75 -9.27 -17.14
O4 NAG Q . -27.49 -8.83 -17.38
O5 NAG Q . -27.03 -8.90 -13.88
O6 NAG Q . -28.33 -11.58 -15.19
O7 NAG Q . -22.68 -11.41 -14.93
C1 NAG R . -12.99 -42.46 -16.53
C2 NAG R . -12.37 -43.85 -16.37
C3 NAG R . -11.61 -44.23 -17.65
C4 NAG R . -12.52 -44.10 -18.86
C5 NAG R . -13.14 -42.71 -18.91
C6 NAG R . -14.15 -42.56 -20.02
C7 NAG R . -11.85 -44.44 -14.04
C8 NAG R . -10.82 -44.40 -12.97
N2 NAG R . -11.49 -43.90 -15.22
O3 NAG R . -11.13 -45.56 -17.53
O4 NAG R . -11.76 -44.31 -20.06
O5 NAG R . -13.84 -42.44 -17.68
O6 NAG R . -14.72 -43.80 -20.39
O7 NAG R . -12.97 -44.92 -13.87
#